data_1WQY
# 
_entry.id   1WQY 
# 
_audit_conform.dict_name       mmcif_pdbx.dic 
_audit_conform.dict_version    5.380 
_audit_conform.dict_location   http://mmcif.pdb.org/dictionaries/ascii/mmcif_pdbx.dic 
# 
loop_
_database_2.database_id 
_database_2.database_code 
_database_2.pdbx_database_accession 
_database_2.pdbx_DOI 
PDB   1WQY         pdb_00001wqy 10.2210/pdb1wqy/pdb 
NDB   BD0073       ?            ?                   
RCSB  RCSB023895   ?            ?                   
WWPDB D_1000023895 ?            ?                   
# 
loop_
_pdbx_database_related.db_name 
_pdbx_database_related.db_id 
_pdbx_database_related.details 
_pdbx_database_related.content_type 
PDB 167D '167D contains X-RAY crystal structure of the same DNA decamer' unspecified 
PDB 1WQZ 'observed by neutron diffraction measurements'                  unspecified 
# 
_pdbx_database_status.status_code                     REL 
_pdbx_database_status.entry_id                        1WQY 
_pdbx_database_status.recvd_initial_deposition_date   2004-10-07 
_pdbx_database_status.deposit_site                    PDBJ 
_pdbx_database_status.process_site                    PDBJ 
_pdbx_database_status.status_code_sf                  REL 
_pdbx_database_status.status_code_mr                  ? 
_pdbx_database_status.SG_entry                        ? 
_pdbx_database_status.status_code_cs                  ? 
_pdbx_database_status.pdb_format_compatible           Y 
_pdbx_database_status.status_code_nmr_data            ? 
_pdbx_database_status.methods_development_category    ? 
# 
loop_
_audit_author.name 
_audit_author.pdbx_ordinal 
'Arai, S.'     1 
'Chatake, T.'  2 
'Ohhara, T.'   3 
'Kurihara, K.' 4 
'Tanaka, I.'   5 
'Suzuki, N.'   6 
'Fujimoto, Z.' 7 
'Mizuno, H.'   8 
'Niimura, N.'  9 
# 
_citation.id                        primary 
_citation.title                     
'Complicated water orientations in the minor groove of the B-DNA decamer d(CCATTAATGG)2 observed by neutron diffraction measurements' 
_citation.journal_abbrev            'Nucleic Acids Res.' 
_citation.journal_volume            33 
_citation.page_first                3017 
_citation.page_last                 3024 
_citation.year                      2005 
_citation.journal_id_ASTM           NARHAD 
_citation.country                   UK 
_citation.journal_id_ISSN           0305-1048 
_citation.journal_id_CSD            0389 
_citation.book_publisher            ? 
_citation.pdbx_database_id_PubMed   15914673 
_citation.pdbx_database_id_DOI      10.1093/nar/gki616 
# 
loop_
_citation_author.citation_id 
_citation_author.name 
_citation_author.ordinal 
_citation_author.identifier_ORCID 
primary 'Arai, S.'     1 ? 
primary 'Chatake, T.'  2 ? 
primary 'Ohhara, T.'   3 ? 
primary 'Kurihara, K.' 4 ? 
primary 'Tanaka, I.'   5 ? 
primary 'Suzuki, N.'   6 ? 
primary 'Fujimoto, Z.' 7 ? 
primary 'Mizuno, H.'   8 ? 
primary 'Niimura, N.'  9 ? 
# 
_cell.entry_id           1WQY 
_cell.length_a           32.900 
_cell.length_b           32.900 
_cell.length_c           96.100 
_cell.angle_alpha        90.00 
_cell.angle_beta         90.00 
_cell.angle_gamma        120.00 
_cell.Z_PDB              12 
_cell.pdbx_unique_axis   ? 
# 
_symmetry.entry_id                         1WQY 
_symmetry.space_group_name_H-M             'P 32 2 1' 
_symmetry.pdbx_full_space_group_name_H-M   ? 
_symmetry.cell_setting                     ? 
_symmetry.Int_Tables_number                154 
_symmetry.space_group_name_Hall            ? 
# 
loop_
_entity.id 
_entity.type 
_entity.src_method 
_entity.pdbx_description 
_entity.formula_weight 
_entity.pdbx_number_of_molecules 
_entity.pdbx_ec 
_entity.pdbx_mutation 
_entity.pdbx_fragment 
_entity.details 
1 polymer syn "5'-D(*CP*CP*AP*TP*TP*AP*AP*TP*GP*G)-3'" 3044.017 2  ? ? ? ? 
2 water   nat water                                    18.015   87 ? ? ? ? 
# 
_entity_poly.entity_id                      1 
_entity_poly.type                           polydeoxyribonucleotide 
_entity_poly.nstd_linkage                   no 
_entity_poly.nstd_monomer                   no 
_entity_poly.pdbx_seq_one_letter_code       '(DC)(DC)(DA)(DT)(DT)(DA)(DA)(DT)(DG)(DG)' 
_entity_poly.pdbx_seq_one_letter_code_can   CCATTAATGG 
_entity_poly.pdbx_strand_id                 A,B 
_entity_poly.pdbx_target_identifier         ? 
# 
loop_
_entity_poly_seq.entity_id 
_entity_poly_seq.num 
_entity_poly_seq.mon_id 
_entity_poly_seq.hetero 
1 1  DC n 
1 2  DC n 
1 3  DA n 
1 4  DT n 
1 5  DT n 
1 6  DA n 
1 7  DA n 
1 8  DT n 
1 9  DG n 
1 10 DG n 
# 
_struct_ref.id                         1 
_struct_ref.entity_id                  1 
_struct_ref.db_name                    PDB 
_struct_ref.db_code                    1WQY 
_struct_ref.pdbx_db_accession          1WQY 
_struct_ref.pdbx_db_isoform            ? 
_struct_ref.pdbx_seq_one_letter_code   ? 
_struct_ref.pdbx_align_begin           ? 
# 
loop_
_struct_ref_seq.align_id 
_struct_ref_seq.ref_id 
_struct_ref_seq.pdbx_PDB_id_code 
_struct_ref_seq.pdbx_strand_id 
_struct_ref_seq.seq_align_beg 
_struct_ref_seq.pdbx_seq_align_beg_ins_code 
_struct_ref_seq.seq_align_end 
_struct_ref_seq.pdbx_seq_align_end_ins_code 
_struct_ref_seq.pdbx_db_accession 
_struct_ref_seq.db_align_beg 
_struct_ref_seq.pdbx_db_align_beg_ins_code 
_struct_ref_seq.db_align_end 
_struct_ref_seq.pdbx_db_align_end_ins_code 
_struct_ref_seq.pdbx_auth_seq_align_beg 
_struct_ref_seq.pdbx_auth_seq_align_end 
1 1 1WQY A 1 ? 10 ? 1WQY 1  ? 10 ? 1  10 
2 1 1WQY B 1 ? 10 ? 1WQY 11 ? 20 ? 11 20 
# 
loop_
_chem_comp.id 
_chem_comp.type 
_chem_comp.mon_nstd_flag 
_chem_comp.name 
_chem_comp.pdbx_synonyms 
_chem_comp.formula 
_chem_comp.formula_weight 
DA  'DNA linking' y "2'-DEOXYADENOSINE-5'-MONOPHOSPHATE" ? 'C10 H14 N5 O6 P' 331.222 
DC  'DNA linking' y "2'-DEOXYCYTIDINE-5'-MONOPHOSPHATE"  ? 'C9 H14 N3 O7 P'  307.197 
DG  'DNA linking' y "2'-DEOXYGUANOSINE-5'-MONOPHOSPHATE" ? 'C10 H14 N5 O7 P' 347.221 
DOD non-polymer   . 'DEUTERATED WATER'                   ? 'D2 O'            20.028  
DT  'DNA linking' y "THYMIDINE-5'-MONOPHOSPHATE"         ? 'C10 H15 N2 O8 P' 322.208 
# 
_exptl.entry_id          1WQY 
_exptl.method            'X-RAY DIFFRACTION' 
_exptl.crystals_number   1 
# 
_exptl_crystal.id                    1 
_exptl_crystal.density_meas          ? 
_exptl_crystal.density_Matthews      2.47 
_exptl_crystal.density_percent_sol   50.12 
_exptl_crystal.description           ? 
_exptl_crystal.F_000                 ? 
_exptl_crystal.preparation           ? 
# 
_exptl_crystal_grow.crystal_id      1 
_exptl_crystal_grow.method          'BATCH (D2O)' 
_exptl_crystal_grow.temp            279 
_exptl_crystal_grow.temp_details    ? 
_exptl_crystal_grow.pH              7.0 
_exptl_crystal_grow.pdbx_details    
'30% MPD, 0.1M MAGNESIUM CHLORIDE, 0.1M SODIUM CACODYLATE, 0.002M DNA, pD 6.6, pH 7.0, BATCH (D2O), temperature 279K' 
_exptl_crystal_grow.pdbx_pH_range   . 
# 
loop_
_exptl_crystal_grow_comp.crystal_id 
_exptl_crystal_grow_comp.id 
_exptl_crystal_grow_comp.sol_id 
_exptl_crystal_grow_comp.name 
_exptl_crystal_grow_comp.volume 
_exptl_crystal_grow_comp.conc 
_exptl_crystal_grow_comp.details 
1 1 1 MPD                 ? ? ? 
1 2 1 MgCl                ? ? ? 
1 3 1 'SODIUM CACODYLATE' ? ? ? 
1 4 1 D2O                 ? ? ? 
1 5 2 MPD                 ? ? ? 
1 6 2 MgCl                ? ? ? 
1 7 2 D2O                 ? ? ? 
# 
_diffrn.id                     1 
_diffrn.ambient_temp           93 
_diffrn.ambient_temp_details   ? 
_diffrn.crystal_id             1 
# 
_diffrn_detector.diffrn_id              1 
_diffrn_detector.detector               'IMAGE PLATE' 
_diffrn_detector.type                   ? 
_diffrn_detector.pdbx_collection_date   2003-06-25 
_diffrn_detector.details                ? 
# 
_diffrn_radiation.diffrn_id                        1 
_diffrn_radiation.wavelength_id                    1 
_diffrn_radiation.pdbx_monochromatic_or_laue_m_l   M 
_diffrn_radiation.monochromator                    ? 
_diffrn_radiation.pdbx_diffrn_protocol             'SINGLE WAVELENGTH' 
_diffrn_radiation.pdbx_scattering_type             x-ray 
# 
_diffrn_radiation_wavelength.id           1 
_diffrn_radiation_wavelength.wavelength   0.71 
_diffrn_radiation_wavelength.wt           1.0 
# 
_diffrn_source.diffrn_id                   1 
_diffrn_source.source                      SYNCHROTRON 
_diffrn_source.type                        'SPRING-8 BEAMLINE BL41XU' 
_diffrn_source.pdbx_synchrotron_site       SPring-8 
_diffrn_source.pdbx_synchrotron_beamline   BL41XU 
_diffrn_source.pdbx_wavelength             0.71 
_diffrn_source.pdbx_wavelength_list        0.71 
# 
_reflns.entry_id                     1WQY 
_reflns.observed_criterion_sigma_I   0.00 
_reflns.observed_criterion_sigma_F   ? 
_reflns.d_resolution_low             50.00 
_reflns.d_resolution_high            1.60 
_reflns.number_obs                   8451 
_reflns.number_all                   8528 
_reflns.percent_possible_obs         99.1 
_reflns.pdbx_Rmerge_I_obs            0.025 
_reflns.pdbx_Rsym_value              ? 
_reflns.pdbx_netI_over_sigmaI        ? 
_reflns.B_iso_Wilson_estimate        22.3 
_reflns.pdbx_redundancy              9.27 
_reflns.R_free_details               ? 
_reflns.pdbx_chi_squared             ? 
_reflns.pdbx_scaling_rejects         ? 
_reflns.pdbx_ordinal                 1 
_reflns.pdbx_diffrn_id               1 
# 
_reflns_shell.d_res_high             1.60 
_reflns_shell.d_res_low              1.66 
_reflns_shell.percent_possible_all   97.9 
_reflns_shell.Rmerge_I_obs           0.108 
_reflns_shell.pdbx_Rsym_value        ? 
_reflns_shell.meanI_over_sigI_obs    ? 
_reflns_shell.pdbx_redundancy        5.25 
_reflns_shell.percent_possible_obs   ? 
_reflns_shell.number_unique_all      828 
_reflns_shell.number_measured_all    ? 
_reflns_shell.number_measured_obs    ? 
_reflns_shell.number_unique_obs      ? 
_reflns_shell.pdbx_chi_squared       ? 
_reflns_shell.pdbx_ordinal           1 
_reflns_shell.pdbx_diffrn_id         1 
# 
_refine.entry_id                                 1WQY 
_refine.ls_number_reflns_obs                     4361 
_refine.ls_number_reflns_all                     4361 
_refine.pdbx_ls_sigma_I                          ? 
_refine.pdbx_ls_sigma_F                          0.0 
_refine.pdbx_data_cutoff_high_absF               ? 
_refine.pdbx_data_cutoff_low_absF                ? 
_refine.pdbx_data_cutoff_high_rms_absF           ? 
_refine.ls_d_res_low                             50.00 
_refine.ls_d_res_high                            2.00 
_refine.ls_percent_reflns_obs                    97.7 
_refine.ls_R_factor_obs                          0.237 
_refine.ls_R_factor_all                          ? 
_refine.ls_R_factor_R_work                       0.237 
_refine.ls_R_factor_R_free                       0.284 
_refine.ls_R_factor_R_free_error                 ? 
_refine.ls_R_factor_R_free_error_details         ? 
_refine.ls_percent_reflns_R_free                 ? 
_refine.ls_number_reflns_R_free                  474 
_refine.ls_number_parameters                     ? 
_refine.ls_number_restraints                     ? 
_refine.occupancy_min                            ? 
_refine.occupancy_max                            ? 
_refine.correlation_coeff_Fo_to_Fc               ? 
_refine.correlation_coeff_Fo_to_Fc_free          ? 
_refine.B_iso_mean                               ? 
_refine.aniso_B[1][1]                            ? 
_refine.aniso_B[2][2]                            ? 
_refine.aniso_B[3][3]                            ? 
_refine.aniso_B[1][2]                            ? 
_refine.aniso_B[1][3]                            ? 
_refine.aniso_B[2][3]                            ? 
_refine.solvent_model_details                    ? 
_refine.solvent_model_param_ksol                 ? 
_refine.solvent_model_param_bsol                 ? 
_refine.pdbx_solvent_vdw_probe_radii             ? 
_refine.pdbx_solvent_ion_probe_radii             ? 
_refine.pdbx_solvent_shrinkage_radii             ? 
_refine.pdbx_ls_cross_valid_method               THROUGHOUT 
_refine.details                                  
;LIMITING RESOLUTION ESTIMATED FROM DATA COLLECTION STATISTICS WAS 1.6 ANGSTROMS. HOWEVER, THE STRUCTURAL REFINEMENT PROCESSING WAS COMPUTED BY USING REFLECTIONS 2.0 - 50.0 ANGSTROMS BECAUSE THE BIN R VALUE AND BIN FREE R VALUE OF RESOLUTION RANGE HIGHER THAN 2.0 ANGSTROMS WERE VERY HIGH.
;
_refine.pdbx_starting_model                      167D 
_refine.pdbx_method_to_determine_struct          'MOLECULAR REPLACEMENT' 
_refine.pdbx_isotropic_thermal_model             ? 
_refine.pdbx_stereochemistry_target_values       ? 
_refine.pdbx_stereochem_target_val_spec_case     ? 
_refine.pdbx_R_Free_selection_details            RANDOM 
_refine.pdbx_overall_ESU_R                       ? 
_refine.pdbx_overall_ESU_R_Free                  ? 
_refine.overall_SU_ML                            ? 
_refine.overall_SU_B                             ? 
_refine.ls_redundancy_reflns_obs                 ? 
_refine.overall_SU_R_Cruickshank_DPI             ? 
_refine.overall_SU_R_free                        ? 
_refine.ls_wR_factor_R_free                      ? 
_refine.ls_wR_factor_R_work                      ? 
_refine.overall_FOM_free_R_set                   ? 
_refine.overall_FOM_work_R_set                   ? 
_refine.pdbx_refine_id                           'X-RAY DIFFRACTION' 
_refine.pdbx_diffrn_id                           1 
_refine.pdbx_TLS_residual_ADP_flag               ? 
_refine.pdbx_overall_phase_error                 ? 
_refine.pdbx_overall_SU_R_free_Cruickshank_DPI   ? 
_refine.pdbx_overall_SU_R_Blow_DPI               ? 
_refine.pdbx_overall_SU_R_free_Blow_DPI          ? 
# 
_refine_analyze.entry_id                        1WQY 
_refine_analyze.Luzzati_coordinate_error_obs    0.29 
_refine_analyze.Luzzati_sigma_a_obs             0.25 
_refine_analyze.Luzzati_d_res_low_obs           5.00 
_refine_analyze.Luzzati_coordinate_error_free   0.41 
_refine_analyze.Luzzati_sigma_a_free            0.33 
_refine_analyze.Luzzati_d_res_low_free          ? 
_refine_analyze.number_disordered_residues      ? 
_refine_analyze.occupancy_sum_non_hydrogen      ? 
_refine_analyze.occupancy_sum_hydrogen          ? 
_refine_analyze.pdbx_refine_id                  'X-RAY DIFFRACTION' 
# 
_refine_hist.pdbx_refine_id                   'X-RAY DIFFRACTION' 
_refine_hist.cycle_id                         LAST 
_refine_hist.pdbx_number_atoms_protein        0 
_refine_hist.pdbx_number_atoms_nucleic_acid   404 
_refine_hist.pdbx_number_atoms_ligand         0 
_refine_hist.number_atoms_solvent             87 
_refine_hist.number_atoms_total               491 
_refine_hist.d_res_high                       2.00 
_refine_hist.d_res_low                        50.00 
# 
loop_
_refine_ls_restr.type 
_refine_ls_restr.dev_ideal 
_refine_ls_restr.dev_ideal_target 
_refine_ls_restr.weight 
_refine_ls_restr.number 
_refine_ls_restr.pdbx_refine_id 
_refine_ls_restr.pdbx_restraint_function 
c_bond_d           0.007 ? ? ? 'X-RAY DIFFRACTION' ? 
c_angle_deg        1.2   ? ? ? 'X-RAY DIFFRACTION' ? 
c_dihedral_angle_d 17.3  ? ? ? 'X-RAY DIFFRACTION' ? 
c_improper_angle_d 1.45  ? ? ? 'X-RAY DIFFRACTION' ? 
# 
_refine_ls_shell.pdbx_total_number_of_bins_used   ? 
_refine_ls_shell.d_res_high                       2.00 
_refine_ls_shell.d_res_low                        2.09 
_refine_ls_shell.number_reflns_R_work             ? 
_refine_ls_shell.R_factor_R_work                  0.288 
_refine_ls_shell.percent_reflns_obs               98.5 
_refine_ls_shell.R_factor_R_free                  0.338 
_refine_ls_shell.R_factor_R_free_error            0.048 
_refine_ls_shell.percent_reflns_R_free            ? 
_refine_ls_shell.number_reflns_R_free             49 
_refine_ls_shell.redundancy_reflns_obs            ? 
_refine_ls_shell.pdbx_refine_id                   'X-RAY DIFFRACTION' 
_refine_ls_shell.number_reflns_all                ? 
_refine_ls_shell.R_factor_all                     ? 
# 
_struct.entry_id                  1WQY 
_struct.title                     'X-RAY structural analysis of B-DNA decamer D(CCATTAATGG)2 crystal grown in D2O solution' 
_struct.pdbx_model_details        ? 
_struct.pdbx_CASP_flag            ? 
_struct.pdbx_model_type_details   ? 
# 
_struct_keywords.entry_id        1WQY 
_struct_keywords.pdbx_keywords   DNA 
_struct_keywords.text            'B-DNA, HYDRATION, HYDROGEN, DNA' 
# 
loop_
_struct_asym.id 
_struct_asym.pdbx_blank_PDB_chainid_flag 
_struct_asym.pdbx_modified 
_struct_asym.entity_id 
_struct_asym.details 
A N N 1 ? 
B N N 1 ? 
C N N 2 ? 
D N N 2 ? 
# 
_struct_biol.id                    1 
_struct_biol.pdbx_parent_biol_id   ? 
_struct_biol.details               ? 
# 
loop_
_struct_conn.id 
_struct_conn.conn_type_id 
_struct_conn.pdbx_leaving_atom_flag 
_struct_conn.pdbx_PDB_id 
_struct_conn.ptnr1_label_asym_id 
_struct_conn.ptnr1_label_comp_id 
_struct_conn.ptnr1_label_seq_id 
_struct_conn.ptnr1_label_atom_id 
_struct_conn.pdbx_ptnr1_label_alt_id 
_struct_conn.pdbx_ptnr1_PDB_ins_code 
_struct_conn.pdbx_ptnr1_standard_comp_id 
_struct_conn.ptnr1_symmetry 
_struct_conn.ptnr2_label_asym_id 
_struct_conn.ptnr2_label_comp_id 
_struct_conn.ptnr2_label_seq_id 
_struct_conn.ptnr2_label_atom_id 
_struct_conn.pdbx_ptnr2_label_alt_id 
_struct_conn.pdbx_ptnr2_PDB_ins_code 
_struct_conn.ptnr1_auth_asym_id 
_struct_conn.ptnr1_auth_comp_id 
_struct_conn.ptnr1_auth_seq_id 
_struct_conn.ptnr2_auth_asym_id 
_struct_conn.ptnr2_auth_comp_id 
_struct_conn.ptnr2_auth_seq_id 
_struct_conn.ptnr2_symmetry 
_struct_conn.pdbx_ptnr3_label_atom_id 
_struct_conn.pdbx_ptnr3_label_seq_id 
_struct_conn.pdbx_ptnr3_label_comp_id 
_struct_conn.pdbx_ptnr3_label_asym_id 
_struct_conn.pdbx_ptnr3_label_alt_id 
_struct_conn.pdbx_ptnr3_PDB_ins_code 
_struct_conn.details 
_struct_conn.pdbx_dist_value 
_struct_conn.pdbx_value_order 
_struct_conn.pdbx_role 
hydrog1  hydrog ? ? A DC 1  N3 ? ? ? 1_555 B DG 10 N1 ? ? A DC 1  B DG 20 1_555 ? ? ? ? ? ? WATSON-CRICK ? ? ? 
hydrog2  hydrog ? ? A DC 1  N4 ? ? ? 1_555 B DG 10 O6 ? ? A DC 1  B DG 20 1_555 ? ? ? ? ? ? WATSON-CRICK ? ? ? 
hydrog3  hydrog ? ? A DC 1  O2 ? ? ? 1_555 B DG 10 N2 ? ? A DC 1  B DG 20 1_555 ? ? ? ? ? ? WATSON-CRICK ? ? ? 
hydrog4  hydrog ? ? A DC 2  N3 ? ? ? 1_555 B DG 9  N1 ? ? A DC 2  B DG 19 1_555 ? ? ? ? ? ? WATSON-CRICK ? ? ? 
hydrog5  hydrog ? ? A DC 2  N4 ? ? ? 1_555 B DG 9  O6 ? ? A DC 2  B DG 19 1_555 ? ? ? ? ? ? WATSON-CRICK ? ? ? 
hydrog6  hydrog ? ? A DC 2  O2 ? ? ? 1_555 B DG 9  N2 ? ? A DC 2  B DG 19 1_555 ? ? ? ? ? ? WATSON-CRICK ? ? ? 
hydrog7  hydrog ? ? A DA 3  N1 ? ? ? 1_555 B DT 8  N3 ? ? A DA 3  B DT 18 1_555 ? ? ? ? ? ? WATSON-CRICK ? ? ? 
hydrog8  hydrog ? ? A DA 3  N6 ? ? ? 1_555 B DT 8  O4 ? ? A DA 3  B DT 18 1_555 ? ? ? ? ? ? WATSON-CRICK ? ? ? 
hydrog9  hydrog ? ? A DT 4  N3 ? ? ? 1_555 B DA 7  N1 ? ? A DT 4  B DA 17 1_555 ? ? ? ? ? ? WATSON-CRICK ? ? ? 
hydrog10 hydrog ? ? A DT 4  O4 ? ? ? 1_555 B DA 7  N6 ? ? A DT 4  B DA 17 1_555 ? ? ? ? ? ? WATSON-CRICK ? ? ? 
hydrog11 hydrog ? ? A DT 5  N3 ? ? ? 1_555 B DA 6  N1 ? ? A DT 5  B DA 16 1_555 ? ? ? ? ? ? WATSON-CRICK ? ? ? 
hydrog12 hydrog ? ? A DT 5  O4 ? ? ? 1_555 B DA 6  N6 ? ? A DT 5  B DA 16 1_555 ? ? ? ? ? ? WATSON-CRICK ? ? ? 
hydrog13 hydrog ? ? A DA 6  N1 ? ? ? 1_555 B DT 5  N3 ? ? A DA 6  B DT 15 1_555 ? ? ? ? ? ? WATSON-CRICK ? ? ? 
hydrog14 hydrog ? ? A DA 6  N6 ? ? ? 1_555 B DT 5  O4 ? ? A DA 6  B DT 15 1_555 ? ? ? ? ? ? WATSON-CRICK ? ? ? 
hydrog15 hydrog ? ? A DA 7  N1 ? ? ? 1_555 B DT 4  N3 ? ? A DA 7  B DT 14 1_555 ? ? ? ? ? ? WATSON-CRICK ? ? ? 
hydrog16 hydrog ? ? A DA 7  N6 ? ? ? 1_555 B DT 4  O4 ? ? A DA 7  B DT 14 1_555 ? ? ? ? ? ? WATSON-CRICK ? ? ? 
hydrog17 hydrog ? ? A DT 8  N3 ? ? ? 1_555 B DA 3  N1 ? ? A DT 8  B DA 13 1_555 ? ? ? ? ? ? WATSON-CRICK ? ? ? 
hydrog18 hydrog ? ? A DT 8  O4 ? ? ? 1_555 B DA 3  N6 ? ? A DT 8  B DA 13 1_555 ? ? ? ? ? ? WATSON-CRICK ? ? ? 
hydrog19 hydrog ? ? A DG 9  N1 ? ? ? 1_555 B DC 2  N3 ? ? A DG 9  B DC 12 1_555 ? ? ? ? ? ? WATSON-CRICK ? ? ? 
hydrog20 hydrog ? ? A DG 9  N2 ? ? ? 1_555 B DC 2  O2 ? ? A DG 9  B DC 12 1_555 ? ? ? ? ? ? WATSON-CRICK ? ? ? 
hydrog21 hydrog ? ? A DG 9  O6 ? ? ? 1_555 B DC 2  N4 ? ? A DG 9  B DC 12 1_555 ? ? ? ? ? ? WATSON-CRICK ? ? ? 
hydrog22 hydrog ? ? A DG 10 N1 ? ? ? 1_555 B DC 1  N3 ? ? A DG 10 B DC 11 1_555 ? ? ? ? ? ? WATSON-CRICK ? ? ? 
hydrog23 hydrog ? ? A DG 10 N2 ? ? ? 1_555 B DC 1  O2 ? ? A DG 10 B DC 11 1_555 ? ? ? ? ? ? WATSON-CRICK ? ? ? 
hydrog24 hydrog ? ? A DG 10 O6 ? ? ? 1_555 B DC 1  N4 ? ? A DG 10 B DC 11 1_555 ? ? ? ? ? ? WATSON-CRICK ? ? ? 
# 
_struct_conn_type.id          hydrog 
_struct_conn_type.criteria    ? 
_struct_conn_type.reference   ? 
# 
_atom_sites.entry_id                    1WQY 
_atom_sites.fract_transf_matrix[1][1]   -0.00029029 
_atom_sites.fract_transf_matrix[1][2]   -0.03483593 
_atom_sites.fract_transf_matrix[1][3]   0.00426584 
_atom_sites.fract_transf_matrix[2][1]   -0.01882945 
_atom_sites.fract_transf_matrix[2][2]   -0.01435085 
_atom_sites.fract_transf_matrix[2][3]   0.02590954 
_atom_sites.fract_transf_matrix[3][1]   -0.00820721 
_atom_sites.fract_transf_matrix[3][2]   -0.00071016 
_atom_sites.fract_transf_matrix[3][3]   -0.00635784 
_atom_sites.fract_transf_vector[1]      0.805348 
_atom_sites.fract_transf_vector[2]      0.640005 
_atom_sites.fract_transf_vector[3]      0.074002 
# 
loop_
_atom_type.symbol 
C 
N 
O 
P 
# 
loop_
_atom_site.group_PDB 
_atom_site.id 
_atom_site.type_symbol 
_atom_site.label_atom_id 
_atom_site.label_alt_id 
_atom_site.label_comp_id 
_atom_site.label_asym_id 
_atom_site.label_entity_id 
_atom_site.label_seq_id 
_atom_site.pdbx_PDB_ins_code 
_atom_site.Cartn_x 
_atom_site.Cartn_y 
_atom_site.Cartn_z 
_atom_site.occupancy 
_atom_site.B_iso_or_equiv 
_atom_site.pdbx_formal_charge 
_atom_site.auth_seq_id 
_atom_site.auth_comp_id 
_atom_site.auth_asym_id 
_atom_site.auth_atom_id 
_atom_site.pdbx_PDB_model_num 
ATOM   1   O "O5'" . DC  A 1 1  ? -4.089  10.029  12.107  1.00 36.88 ? 1   DC  A "O5'" 1 
ATOM   2   C "C5'" . DC  A 1 1  ? -5.113  10.929  12.479  1.00 35.43 ? 1   DC  A "C5'" 1 
ATOM   3   C "C4'" . DC  A 1 1  ? -6.319  10.843  11.572  1.00 33.93 ? 1   DC  A "C4'" 1 
ATOM   4   O "O4'" . DC  A 1 1  ? -6.107  11.591  10.354  1.00 31.99 ? 1   DC  A "O4'" 1 
ATOM   5   C "C3'" . DC  A 1 1  ? -6.709  9.433   11.138  1.00 34.68 ? 1   DC  A "C3'" 1 
ATOM   6   O "O3'" . DC  A 1 1  ? -8.138  9.358   11.067  1.00 37.59 ? 1   DC  A "O3'" 1 
ATOM   7   C "C2'" . DC  A 1 1  ? -6.081  9.310   9.760   1.00 31.94 ? 1   DC  A "C2'" 1 
ATOM   8   C "C1'" . DC  A 1 1  ? -6.167  10.735  9.220   1.00 32.14 ? 1   DC  A "C1'" 1 
ATOM   9   N N1    . DC  A 1 1  ? -5.061  11.117  8.324   1.00 29.10 ? 1   DC  A N1    1 
ATOM   10  C C2    . DC  A 1 1  ? -5.341  11.465  6.996   1.00 28.97 ? 1   DC  A C2    1 
ATOM   11  O O2    . DC  A 1 1  ? -6.506  11.377  6.574   1.00 28.47 ? 1   DC  A O2    1 
ATOM   12  N N3    . DC  A 1 1  ? -4.334  11.872  6.202   1.00 26.53 ? 1   DC  A N3    1 
ATOM   13  C C4    . DC  A 1 1  ? -3.090  11.908  6.668   1.00 26.12 ? 1   DC  A C4    1 
ATOM   14  N N4    . DC  A 1 1  ? -2.132  12.333  5.846   1.00 24.18 ? 1   DC  A N4    1 
ATOM   15  C C5    . DC  A 1 1  ? -2.773  11.521  7.997   1.00 26.26 ? 1   DC  A C5    1 
ATOM   16  C C6    . DC  A 1 1  ? -3.777  11.144  8.786   1.00 28.35 ? 1   DC  A C6    1 
ATOM   17  P P     . DC  A 1 2  ? -8.857  7.927   11.081  1.00 40.11 ? 2   DC  A P     1 
ATOM   18  O OP1   . DC  A 1 2  ? -10.230 8.177   11.561  1.00 42.40 ? 2   DC  A OP1   1 
ATOM   19  O OP2   . DC  A 1 2  ? -7.999  6.941   11.774  1.00 41.20 ? 2   DC  A OP2   1 
ATOM   20  O "O5'" . DC  A 1 2  ? -8.908  7.547   9.538   1.00 38.46 ? 2   DC  A "O5'" 1 
ATOM   21  C "C5'" . DC  A 1 2  ? -9.784  8.243   8.668   1.00 37.26 ? 2   DC  A "C5'" 1 
ATOM   22  C "C4'" . DC  A 1 2  ? -9.601  7.771   7.248   1.00 37.60 ? 2   DC  A "C4'" 1 
ATOM   23  O "O4'" . DC  A 1 2  ? -8.413  8.336   6.650   1.00 34.99 ? 2   DC  A "O4'" 1 
ATOM   24  C "C3'" . DC  A 1 2  ? -9.502  6.261   7.033   1.00 38.93 ? 2   DC  A "C3'" 1 
ATOM   25  O "O3'" . DC  A 1 2  ? -10.194 5.998   5.818   1.00 43.17 ? 2   DC  A "O3'" 1 
ATOM   26  C "C2'" . DC  A 1 2  ? -8.018  6.050   6.792   1.00 36.99 ? 2   DC  A "C2'" 1 
ATOM   27  C "C1'" . DC  A 1 2  ? -7.711  7.302   5.992   1.00 34.33 ? 2   DC  A "C1'" 1 
ATOM   28  N N1    . DC  A 1 2  ? -6.307  7.715   5.876   1.00 32.03 ? 2   DC  A N1    1 
ATOM   29  C C2    . DC  A 1 2  ? -5.947  8.520   4.801   1.00 26.48 ? 2   DC  A C2    1 
ATOM   30  O O2    . DC  A 1 2  ? -6.815  8.875   4.003   1.00 29.77 ? 2   DC  A O2    1 
ATOM   31  N N3    . DC  A 1 2  ? -4.664  8.897   4.655   1.00 26.75 ? 2   DC  A N3    1 
ATOM   32  C C4    . DC  A 1 2  ? -3.750  8.502   5.537   1.00 23.39 ? 2   DC  A C4    1 
ATOM   33  N N4    . DC  A 1 2  ? -2.488  8.883   5.327   1.00 21.47 ? 2   DC  A N4    1 
ATOM   34  C C5    . DC  A 1 2  ? -4.087  7.695   6.658   1.00 25.55 ? 2   DC  A C5    1 
ATOM   35  C C6    . DC  A 1 2  ? -5.365  7.324   6.793   1.00 28.82 ? 2   DC  A C6    1 
ATOM   36  P P     . DA  A 1 3  ? -10.805 4.551   5.521   1.00 44.51 ? 3   DA  A P     1 
ATOM   37  O OP1   . DA  A 1 3  ? -12.202 4.560   6.023   1.00 45.42 ? 3   DA  A OP1   1 
ATOM   38  O OP2   . DA  A 1 3  ? -9.885  3.477   5.950   1.00 43.34 ? 3   DA  A OP2   1 
ATOM   39  O "O5'" . DA  A 1 3  ? -10.854 4.582   3.933   1.00 42.87 ? 3   DA  A "O5'" 1 
ATOM   40  C "C5'" . DA  A 1 3  ? -11.262 5.767   3.269   1.00 40.20 ? 3   DA  A "C5'" 1 
ATOM   41  C "C4'" . DA  A 1 3  ? -10.686 5.810   1.876   1.00 39.73 ? 3   DA  A "C4'" 1 
ATOM   42  O "O4'" . DA  A 1 3  ? -9.332  6.305   1.884   1.00 36.34 ? 3   DA  A "O4'" 1 
ATOM   43  C "C3'" . DA  A 1 3  ? -10.645 4.465   1.158   1.00 40.16 ? 3   DA  A "C3'" 1 
ATOM   44  O "O3'" . DA  A 1 3  ? -10.954 4.685   -0.211  1.00 42.28 ? 3   DA  A "O3'" 1 
ATOM   45  C "C2'" . DA  A 1 3  ? -9.196  4.037   1.301   1.00 37.05 ? 3   DA  A "C2'" 1 
ATOM   46  C "C1'" . DA  A 1 3  ? -8.461  5.366   1.281   1.00 34.43 ? 3   DA  A "C1'" 1 
ATOM   47  N N9    . DA  A 1 3  ? -7.229  5.363   2.062   1.00 31.28 ? 3   DA  A N9    1 
ATOM   48  C C8    . DA  A 1 3  ? -7.036  4.794   3.294   1.00 30.13 ? 3   DA  A C8    1 
ATOM   49  N N7    . DA  A 1 3  ? -5.820  4.958   3.767   1.00 31.12 ? 3   DA  A N7    1 
ATOM   50  C C5    . DA  A 1 3  ? -5.174  5.686   2.777   1.00 26.78 ? 3   DA  A C5    1 
ATOM   51  C C6    . DA  A 1 3  ? -3.873  6.175   2.677   1.00 24.64 ? 3   DA  A C6    1 
ATOM   52  N N6    . DA  A 1 3  ? -2.963  6.045   3.644   1.00 20.82 ? 3   DA  A N6    1 
ATOM   53  N N1    . DA  A 1 3  ? -3.530  6.825   1.552   1.00 23.38 ? 3   DA  A N1    1 
ATOM   54  C C2    . DA  A 1 3  ? -4.471  7.004   0.601   1.00 26.48 ? 3   DA  A C2    1 
ATOM   55  N N3    . DA  A 1 3  ? -5.734  6.604   0.588   1.00 25.81 ? 3   DA  A N3    1 
ATOM   56  C C4    . DA  A 1 3  ? -6.029  5.938   1.717   1.00 27.91 ? 3   DA  A C4    1 
ATOM   57  P P     . DT  A 1 4  ? -11.177 3.435   -1.185  1.00 44.95 ? 4   DT  A P     1 
ATOM   58  O OP1   . DT  A 1 4  ? -12.501 3.655   -1.830  1.00 46.86 ? 4   DT  A OP1   1 
ATOM   59  O OP2   . DT  A 1 4  ? -10.892 2.167   -0.459  1.00 44.64 ? 4   DT  A OP2   1 
ATOM   60  O "O5'" . DT  A 1 4  ? -10.058 3.657   -2.280  1.00 41.76 ? 4   DT  A "O5'" 1 
ATOM   61  C "C5'" . DT  A 1 4  ? -9.682  4.961   -2.640  1.00 36.12 ? 4   DT  A "C5'" 1 
ATOM   62  C "C4'" . DT  A 1 4  ? -8.314  4.927   -3.268  1.00 34.94 ? 4   DT  A "C4'" 1 
ATOM   63  O "O4'" . DT  A 1 4  ? -7.275  4.927   -2.263  1.00 32.04 ? 4   DT  A "O4'" 1 
ATOM   64  C "C3'" . DT  A 1 4  ? -8.063  3.708   -4.154  1.00 35.69 ? 4   DT  A "C3'" 1 
ATOM   65  O "O3'" . DT  A 1 4  ? -7.635  4.204   -5.407  1.00 35.90 ? 4   DT  A "O3'" 1 
ATOM   66  C "C2'" . DT  A 1 4  ? -6.957  2.939   -3.431  1.00 31.45 ? 4   DT  A "C2'" 1 
ATOM   67  C "C1'" . DT  A 1 4  ? -6.248  4.043   -2.648  1.00 31.37 ? 4   DT  A "C1'" 1 
ATOM   68  N N1    . DT  A 1 4  ? -5.532  3.641   -1.415  1.00 27.27 ? 4   DT  A N1    1 
ATOM   69  C C2    . DT  A 1 4  ? -4.236  4.092   -1.234  1.00 23.71 ? 4   DT  A C2    1 
ATOM   70  O O2    . DT  A 1 4  ? -3.628  4.742   -2.065  1.00 21.16 ? 4   DT  A O2    1 
ATOM   71  N N3    . DT  A 1 4  ? -3.671  3.741   -0.039  1.00 24.12 ? 4   DT  A N3    1 
ATOM   72  C C4    . DT  A 1 4  ? -4.238  2.984   0.964   1.00 25.15 ? 4   DT  A C4    1 
ATOM   73  O O4    . DT  A 1 4  ? -3.617  2.767   1.997   1.00 24.86 ? 4   DT  A O4    1 
ATOM   74  C C5    . DT  A 1 4  ? -5.574  2.503   0.696   1.00 26.42 ? 4   DT  A C5    1 
ATOM   75  C C7    . DT  A 1 4  ? -6.236  1.638   1.714   1.00 24.02 ? 4   DT  A C7    1 
ATOM   76  C C6    . DT  A 1 4  ? -6.154  2.858   -0.464  1.00 25.98 ? 4   DT  A C6    1 
ATOM   77  P P     . DT  A 1 5  ? -7.453  3.215   -6.639  1.00 39.34 ? 5   DT  A P     1 
ATOM   78  O OP1   . DT  A 1 5  ? -7.941  3.983   -7.814  1.00 38.88 ? 5   DT  A OP1   1 
ATOM   79  O OP2   . DT  A 1 5  ? -8.027  1.882   -6.310  1.00 40.17 ? 5   DT  A OP2   1 
ATOM   80  O "O5'" . DT  A 1 5  ? -5.878  3.131   -6.744  1.00 37.78 ? 5   DT  A "O5'" 1 
ATOM   81  C "C5'" . DT  A 1 5  ? -5.128  4.331   -6.700  1.00 34.44 ? 5   DT  A "C5'" 1 
ATOM   82  C "C4'" . DT  A 1 5  ? -3.657  4.026   -6.577  1.00 33.76 ? 5   DT  A "C4'" 1 
ATOM   83  O "O4'" . DT  A 1 5  ? -3.302  3.713   -5.209  1.00 31.33 ? 5   DT  A "O4'" 1 
ATOM   84  C "C3'" . DT  A 1 5  ? -3.191  2.852   -7.433  1.00 33.76 ? 5   DT  A "C3'" 1 
ATOM   85  O "O3'" . DT  A 1 5  ? -2.065  3.271   -8.196  1.00 35.45 ? 5   DT  A "O3'" 1 
ATOM   86  C "C2'" . DT  A 1 5  ? -2.812  1.786   -6.416  1.00 31.21 ? 5   DT  A "C2'" 1 
ATOM   87  C "C1'" . DT  A 1 5  ? -2.392  2.629   -5.216  1.00 28.86 ? 5   DT  A "C1'" 1 
ATOM   88  N N1    . DT  A 1 5  ? -2.488  1.960   -3.910  1.00 24.90 ? 5   DT  A N1    1 
ATOM   89  C C2    . DT  A 1 5  ? -1.445  2.114   -3.013  1.00 23.83 ? 5   DT  A C2    1 
ATOM   90  O O2    . DT  A 1 5  ? -0.422  2.712   -3.278  1.00 24.23 ? 5   DT  A O2    1 
ATOM   91  N N3    . DT  A 1 5  ? -1.648  1.528   -1.792  1.00 21.87 ? 5   DT  A N3    1 
ATOM   92  C C4    . DT  A 1 5  ? -2.737  0.797   -1.388  1.00 19.94 ? 5   DT  A C4    1 
ATOM   93  O O4    . DT  A 1 5  ? -2.806  0.387   -0.235  1.00 20.34 ? 5   DT  A O4    1 
ATOM   94  C C5    . DT  A 1 5  ? -3.751  0.593   -2.404  1.00 24.08 ? 5   DT  A C5    1 
ATOM   95  C C7    . DT  A 1 5  ? -4.904  -0.307  -2.102  1.00 23.44 ? 5   DT  A C7    1 
ATOM   96  C C6    . DT  A 1 5  ? -3.592  1.207   -3.588  1.00 23.90 ? 5   DT  A C6    1 
ATOM   97  P P     . DA  A 1 6  ? -1.421  2.283   -9.263  1.00 39.11 ? 6   DA  A P     1 
ATOM   98  O OP1   . DA  A 1 6  ? -1.093  3.085   -10.472 1.00 37.89 ? 6   DA  A OP1   1 
ATOM   99  O OP2   . DA  A 1 6  ? -2.281  1.082   -9.387  1.00 36.91 ? 6   DA  A OP2   1 
ATOM   100 O "O5'" . DA  A 1 6  ? -0.051  1.900   -8.550  1.00 40.56 ? 6   DA  A "O5'" 1 
ATOM   101 C "C5'" . DA  A 1 6  ? 0.739   2.936   -7.971  1.00 40.71 ? 6   DA  A "C5'" 1 
ATOM   102 C "C4'" . DA  A 1 6  ? 1.931   2.362   -7.248  1.00 39.44 ? 6   DA  A "C4'" 1 
ATOM   103 O "O4'" . DA  A 1 6  ? 1.579   1.876   -5.930  1.00 37.77 ? 6   DA  A "O4'" 1 
ATOM   104 C "C3'" . DA  A 1 6  ? 2.610   1.209   -7.970  1.00 39.66 ? 6   DA  A "C3'" 1 
ATOM   105 O "O3'" . DA  A 1 6  ? 4.027   1.396   -7.902  1.00 40.75 ? 6   DA  A "O3'" 1 
ATOM   106 C "C2'" . DA  A 1 6  ? 2.173   -0.007  -7.176  1.00 37.97 ? 6   DA  A "C2'" 1 
ATOM   107 C "C1'" . DA  A 1 6  ? 2.048   0.550   -5.770  1.00 35.72 ? 6   DA  A "C1'" 1 
ATOM   108 N N9    . DA  A 1 6  ? 1.099   -0.151  -4.907  1.00 31.07 ? 6   DA  A N9    1 
ATOM   109 C C8    . DA  A 1 6  ? -0.199  -0.471  -5.185  1.00 30.58 ? 6   DA  A C8    1 
ATOM   110 N N7    . DA  A 1 6  ? -0.813  -1.083  -4.202  1.00 31.09 ? 6   DA  A N7    1 
ATOM   111 C C5    . DA  A 1 6  ? 0.150   -1.180  -3.212  1.00 26.78 ? 6   DA  A C5    1 
ATOM   112 C C6    . DA  A 1 6  ? 0.129   -1.728  -1.915  1.00 27.31 ? 6   DA  A C6    1 
ATOM   113 N N6    . DA  A 1 6  ? -0.943  -2.287  -1.363  1.00 24.67 ? 6   DA  A N6    1 
ATOM   114 N N1    . DA  A 1 6  ? 1.265   -1.666  -1.186  1.00 24.59 ? 6   DA  A N1    1 
ATOM   115 C C2    . DA  A 1 6  ? 2.327   -1.084  -1.726  1.00 25.57 ? 6   DA  A C2    1 
ATOM   116 N N3    . DA  A 1 6  ? 2.467   -0.518  -2.926  1.00 26.47 ? 6   DA  A N3    1 
ATOM   117 C C4    . DA  A 1 6  ? 1.331   -0.608  -3.630  1.00 29.86 ? 6   DA  A C4    1 
ATOM   118 P P     . DA  A 1 7  ? 4.997   0.396   -8.682  1.00 41.68 ? 7   DA  A P     1 
ATOM   119 O OP1   . DA  A 1 7  ? 5.961   1.233   -9.441  1.00 43.55 ? 7   DA  A OP1   1 
ATOM   120 O OP2   . DA  A 1 7  ? 4.190   -0.624  -9.394  1.00 42.47 ? 7   DA  A OP2   1 
ATOM   121 O "O5'" . DA  A 1 7  ? 5.775   -0.310  -7.484  1.00 38.68 ? 7   DA  A "O5'" 1 
ATOM   122 C "C5'" . DA  A 1 7  ? 6.250   0.473   -6.396  1.00 33.75 ? 7   DA  A "C5'" 1 
ATOM   123 C "C4'" . DA  A 1 7  ? 6.851   -0.415  -5.338  1.00 31.97 ? 7   DA  A "C4'" 1 
ATOM   124 O "O4'" . DA  A 1 7  ? 5.831   -1.003  -4.506  1.00 30.27 ? 7   DA  A "O4'" 1 
ATOM   125 C "C3'" . DA  A 1 7  ? 7.687   -1.570  -5.876  1.00 34.33 ? 7   DA  A "C3'" 1 
ATOM   126 O "O3'" . DA  A 1 7  ? 8.882   -1.628  -5.109  1.00 35.55 ? 7   DA  A "O3'" 1 
ATOM   127 C "C2'" . DA  A 1 7  ? 6.809   -2.796  -5.652  1.00 30.30 ? 7   DA  A "C2'" 1 
ATOM   128 C "C1'" . DA  A 1 7  ? 6.001   -2.404  -4.424  1.00 28.98 ? 7   DA  A "C1'" 1 
ATOM   129 N N9    . DA  A 1 7  ? 4.665   -2.982  -4.332  1.00 28.50 ? 7   DA  A N9    1 
ATOM   130 C C8    . DA  A 1 7  ? 3.690   -2.962  -5.295  1.00 27.01 ? 7   DA  A C8    1 
ATOM   131 N N7    . DA  A 1 7  ? 2.553   -3.477  -4.903  1.00 28.55 ? 7   DA  A N7    1 
ATOM   132 C C5    . DA  A 1 7  ? 2.805   -3.899  -3.602  1.00 27.58 ? 7   DA  A C5    1 
ATOM   133 C C6    . DA  A 1 7  ? 1.998   -4.522  -2.635  1.00 26.40 ? 7   DA  A C6    1 
ATOM   134 N N6    . DA  A 1 7  ? 0.717   -4.845  -2.832  1.00 25.22 ? 7   DA  A N6    1 
ATOM   135 N N1    . DA  A 1 7  ? 2.555   -4.801  -1.435  1.00 29.73 ? 7   DA  A N1    1 
ATOM   136 C C2    . DA  A 1 7  ? 3.834   -4.465  -1.227  1.00 29.07 ? 7   DA  A C2    1 
ATOM   137 N N3    . DA  A 1 7  ? 4.691   -3.873  -2.055  1.00 30.65 ? 7   DA  A N3    1 
ATOM   138 C C4    . DA  A 1 7  ? 4.107   -3.611  -3.241  1.00 28.23 ? 7   DA  A C4    1 
ATOM   139 P P     . DT  A 1 8  ? 9.942   -2.792  -5.375  1.00 39.38 ? 8   DT  A P     1 
ATOM   140 O OP1   . DT  A 1 8  ? 11.289  -2.189  -5.209  1.00 37.56 ? 8   DT  A OP1   1 
ATOM   141 O OP2   . DT  A 1 8  ? 9.595   -3.492  -6.636  1.00 36.38 ? 8   DT  A OP2   1 
ATOM   142 O "O5'" . DT  A 1 8  ? 9.662   -3.760  -4.157  1.00 35.61 ? 8   DT  A "O5'" 1 
ATOM   143 C "C5'" . DT  A 1 8  ? 9.420   -3.231  -2.868  1.00 37.83 ? 8   DT  A "C5'" 1 
ATOM   144 C "C4'" . DT  A 1 8  ? 9.319   -4.360  -1.875  1.00 37.68 ? 8   DT  A "C4'" 1 
ATOM   145 O "O4'" . DT  A 1 8  ? 7.969   -4.869  -1.793  1.00 36.15 ? 8   DT  A "O4'" 1 
ATOM   146 C "C3'" . DT  A 1 8  ? 10.206  -5.541  -2.247  1.00 38.55 ? 8   DT  A "C3'" 1 
ATOM   147 O "O3'" . DT  A 1 8  ? 10.911  -5.957  -1.087  1.00 41.77 ? 8   DT  A "O3'" 1 
ATOM   148 C "C2'" . DT  A 1 8  ? 9.223   -6.595  -2.743  1.00 36.72 ? 8   DT  A "C2'" 1 
ATOM   149 C "C1'" . DT  A 1 8  ? 7.959   -6.275  -1.957  1.00 35.06 ? 8   DT  A "C1'" 1 
ATOM   150 N N1    . DT  A 1 8  ? 6.692   -6.620  -2.632  1.00 30.36 ? 8   DT  A N1    1 
ATOM   151 C C2    . DT  A 1 8  ? 5.652   -7.136  -1.884  1.00 29.92 ? 8   DT  A C2    1 
ATOM   152 O O2    . DT  A 1 8  ? 5.722   -7.360  -0.688  1.00 28.79 ? 8   DT  A O2    1 
ATOM   153 N N3    . DT  A 1 8  ? 4.505   -7.368  -2.592  1.00 27.06 ? 8   DT  A N3    1 
ATOM   154 C C4    . DT  A 1 8  ? 4.286   -7.133  -3.929  1.00 28.16 ? 8   DT  A C4    1 
ATOM   155 O O4    . DT  A 1 8  ? 3.171   -7.337  -4.406  1.00 26.88 ? 8   DT  A O4    1 
ATOM   156 C C5    . DT  A 1 8  ? 5.429   -6.632  -4.663  1.00 27.16 ? 8   DT  A C5    1 
ATOM   157 C C7    . DT  A 1 8  ? 5.309   -6.405  -6.134  1.00 27.49 ? 8   DT  A C7    1 
ATOM   158 C C6    . DT  A 1 8  ? 6.558   -6.401  -3.984  1.00 29.18 ? 8   DT  A C6    1 
ATOM   159 P P     . DG  A 1 9  ? 12.162  -6.952  -1.233  1.00 45.80 ? 9   DG  A P     1 
ATOM   160 O OP1   . DG  A 1 9  ? 13.188  -6.483  -0.261  1.00 44.85 ? 9   DG  A OP1   1 
ATOM   161 O OP2   . DG  A 1 9  ? 12.512  -7.094  -2.667  1.00 43.73 ? 9   DG  A OP2   1 
ATOM   162 O "O5'" . DG  A 1 9  ? 11.555  -8.330  -0.734  1.00 43.94 ? 9   DG  A "O5'" 1 
ATOM   163 C "C5'" . DG  A 1 9  ? 10.887  -8.423  0.518   1.00 42.16 ? 9   DG  A "C5'" 1 
ATOM   164 C "C4'" . DG  A 1 9  ? 10.233  -9.776  0.629   1.00 42.58 ? 9   DG  A "C4'" 1 
ATOM   165 O "O4'" . DG  A 1 9  ? 9.020   -9.826  -0.169  1.00 39.77 ? 9   DG  A "O4'" 1 
ATOM   166 C "C3'" . DG  A 1 9  ? 11.136  -10.884 0.079   1.00 43.03 ? 9   DG  A "C3'" 1 
ATOM   167 O "O3'" . DG  A 1 9  ? 10.834  -12.090 0.770   1.00 46.97 ? 9   DG  A "O3'" 1 
ATOM   168 C "C2'" . DG  A 1 9  ? 10.643  -11.026 -1.351  1.00 40.11 ? 9   DG  A "C2'" 1 
ATOM   169 C "C1'" . DG  A 1 9  ? 9.154   -10.881 -1.110  1.00 37.64 ? 9   DG  A "C1'" 1 
ATOM   170 N N9    . DG  A 1 9  ? 8.297   -10.597 -2.254  1.00 32.72 ? 9   DG  A N9    1 
ATOM   171 C C8    . DG  A 1 9  ? 8.653   -10.109 -3.486  1.00 31.20 ? 9   DG  A C8    1 
ATOM   172 N N7    . DG  A 1 9  ? 7.633   -9.944  -4.283  1.00 29.46 ? 9   DG  A N7    1 
ATOM   173 C C5    . DG  A 1 9  ? 6.539   -10.359 -3.531  1.00 30.25 ? 9   DG  A C5    1 
ATOM   174 C C6    . DG  A 1 9  ? 5.151   -10.403 -3.858  1.00 27.52 ? 9   DG  A C6    1 
ATOM   175 O O6    . DG  A 1 9  ? 4.593   -10.046 -4.893  1.00 29.94 ? 9   DG  A O6    1 
ATOM   176 N N1    . DG  A 1 9  ? 4.400   -10.915 -2.818  1.00 25.58 ? 9   DG  A N1    1 
ATOM   177 C C2    . DG  A 1 9  ? 4.894   -11.321 -1.614  1.00 29.36 ? 9   DG  A C2    1 
ATOM   178 N N2    . DG  A 1 9  ? 3.997   -11.813 -0.749  1.00 28.62 ? 9   DG  A N2    1 
ATOM   179 N N3    . DG  A 1 9  ? 6.177   -11.258 -1.281  1.00 29.88 ? 9   DG  A N3    1 
ATOM   180 C C4    . DG  A 1 9  ? 6.934   -10.774 -2.285  1.00 29.47 ? 9   DG  A C4    1 
ATOM   181 P P     . DG  A 1 10 ? 11.846  -12.676 1.877   1.00 51.07 ? 10  DG  A P     1 
ATOM   182 O OP1   . DG  A 1 10 ? 11.961  -11.723 3.036   1.00 48.36 ? 10  DG  A OP1   1 
ATOM   183 O OP2   . DG  A 1 10 ? 13.081  -13.181 1.200   1.00 50.08 ? 10  DG  A OP2   1 
ATOM   184 O "O5'" . DG  A 1 10 ? 11.021  -13.933 2.383   1.00 47.08 ? 10  DG  A "O5'" 1 
ATOM   185 C "C5'" . DG  A 1 10 ? 9.766   -13.761 3.032   1.00 40.98 ? 10  DG  A "C5'" 1 
ATOM   186 C "C4'" . DG  A 1 10 ? 8.855   -14.909 2.678   1.00 35.85 ? 10  DG  A "C4'" 1 
ATOM   187 O "O4'" . DG  A 1 10 ? 8.097   -14.590 1.488   1.00 34.45 ? 10  DG  A "O4'" 1 
ATOM   188 C "C3'" . DG  A 1 10 ? 9.615   -16.201 2.365   1.00 33.57 ? 10  DG  A "C3'" 1 
ATOM   189 O "O3'" . DG  A 1 10 ? 8.858   -17.312 2.862   1.00 33.92 ? 10  DG  A "O3'" 1 
ATOM   190 C "C2'" . DG  A 1 10 ? 9.652   -16.207 0.846   1.00 32.21 ? 10  DG  A "C2'" 1 
ATOM   191 C "C1'" . DG  A 1 10 ? 8.295   -15.601 0.517   1.00 31.43 ? 10  DG  A "C1'" 1 
ATOM   192 N N9    . DG  A 1 10 ? 8.158   -14.993 -0.803  1.00 27.29 ? 10  DG  A N9    1 
ATOM   193 C C8    . DG  A 1 10 ? 9.155   -14.474 -1.606  1.00 26.26 ? 10  DG  A C8    1 
ATOM   194 N N7    . DG  A 1 10 ? 8.705   -14.014 -2.749  1.00 29.19 ? 10  DG  A N7    1 
ATOM   195 C C5    . DG  A 1 10 ? 7.328   -14.237 -2.693  1.00 27.20 ? 10  DG  A C5    1 
ATOM   196 C C6    . DG  A 1 10 ? 6.295   -13.952 -3.641  1.00 27.39 ? 10  DG  A C6    1 
ATOM   197 O O6    . DG  A 1 10 ? 6.384   -13.394 -4.749  1.00 25.65 ? 10  DG  A O6    1 
ATOM   198 N N1    . DG  A 1 10 ? 5.053   -14.377 -3.181  1.00 22.87 ? 10  DG  A N1    1 
ATOM   199 C C2    . DG  A 1 10 ? 4.814   -14.958 -1.970  1.00 26.18 ? 10  DG  A C2    1 
ATOM   200 N N2    . DG  A 1 10 ? 3.537   -15.264 -1.711  1.00 24.85 ? 10  DG  A N2    1 
ATOM   201 N N3    . DG  A 1 10 ? 5.756   -15.216 -1.075  1.00 26.07 ? 10  DG  A N3    1 
ATOM   202 C C4    . DG  A 1 10 ? 6.978   -14.838 -1.499  1.00 25.29 ? 10  DG  A C4    1 
ATOM   203 O "O5'" . DC  B 1 1  ? -0.073  -17.470 -8.550  1.00 41.88 ? 11  DC  B "O5'" 1 
ATOM   204 C "C5'" . DC  B 1 1  ? -1.330  -16.803 -8.311  1.00 39.34 ? 11  DC  B "C5'" 1 
ATOM   205 C "C4'" . DC  B 1 1  ? -1.592  -16.858 -6.826  1.00 37.47 ? 11  DC  B "C4'" 1 
ATOM   206 O "O4'" . DC  B 1 1  ? -0.368  -16.520 -6.148  1.00 37.74 ? 11  DC  B "O4'" 1 
ATOM   207 C "C3'" . DC  B 1 1  ? -2.646  -15.904 -6.281  1.00 37.52 ? 11  DC  B "C3'" 1 
ATOM   208 O "O3'" . DC  B 1 1  ? -3.255  -16.519 -5.145  1.00 39.29 ? 11  DC  B "O3'" 1 
ATOM   209 C "C2'" . DC  B 1 1  ? -1.831  -14.680 -5.889  1.00 36.81 ? 11  DC  B "C2'" 1 
ATOM   210 C "C1'" . DC  B 1 1  ? -0.499  -15.283 -5.465  1.00 34.46 ? 11  DC  B "C1'" 1 
ATOM   211 N N1    . DC  B 1 1  ? 0.702   -14.502 -5.779  1.00 31.49 ? 11  DC  B N1    1 
ATOM   212 C C2    . DC  B 1 1  ? 1.733   -14.508 -4.856  1.00 28.31 ? 11  DC  B C2    1 
ATOM   213 O O2    . DC  B 1 1  ? 1.535   -15.072 -3.769  1.00 27.62 ? 11  DC  B O2    1 
ATOM   214 N N3    . DC  B 1 1  ? 2.904   -13.884 -5.158  1.00 25.85 ? 11  DC  B N3    1 
ATOM   215 C C4    . DC  B 1 1  ? 3.028   -13.226 -6.315  1.00 26.74 ? 11  DC  B C4    1 
ATOM   216 N N4    . DC  B 1 1  ? 4.195   -12.613 -6.574  1.00 26.66 ? 11  DC  B N4    1 
ATOM   217 C C5    . DC  B 1 1  ? 1.963   -13.161 -7.259  1.00 26.64 ? 11  DC  B C5    1 
ATOM   218 C C6    . DC  B 1 1  ? 0.830   -13.811 -6.957  1.00 29.73 ? 11  DC  B C6    1 
ATOM   219 P P     . DC  B 1 2  ? -4.501  -15.810 -4.415  1.00 41.51 ? 12  DC  B P     1 
ATOM   220 O OP1   . DC  B 1 2  ? -5.416  -16.858 -3.888  1.00 41.38 ? 12  DC  B OP1   1 
ATOM   221 O OP2   . DC  B 1 2  ? -5.010  -14.759 -5.328  1.00 40.24 ? 12  DC  B OP2   1 
ATOM   222 O "O5'" . DC  B 1 2  ? -3.829  -15.128 -3.151  1.00 41.12 ? 12  DC  B "O5'" 1 
ATOM   223 C "C5'" . DC  B 1 2  ? -2.976  -15.890 -2.319  1.00 43.80 ? 12  DC  B "C5'" 1 
ATOM   224 C "C4'" . DC  B 1 2  ? -2.403  -15.016 -1.236  1.00 44.53 ? 12  DC  B "C4'" 1 
ATOM   225 O "O4'" . DC  B 1 2  ? -1.185  -14.352 -1.655  1.00 44.23 ? 12  DC  B "O4'" 1 
ATOM   226 C "C3'" . DC  B 1 2  ? -3.372  -13.926 -0.811  1.00 46.22 ? 12  DC  B "C3'" 1 
ATOM   227 O "O3'" . DC  B 1 2  ? -3.415  -13.914 0.595   1.00 51.50 ? 12  DC  B "O3'" 1 
ATOM   228 C "C2'" . DC  B 1 2  ? -2.760  -12.647 -1.361  1.00 45.15 ? 12  DC  B "C2'" 1 
ATOM   229 C "C1'" . DC  B 1 2  ? -1.272  -12.963 -1.376  1.00 42.48 ? 12  DC  B "C1'" 1 
ATOM   230 N N1    . DC  B 1 2  ? -0.506  -12.249 -2.410  1.00 38.47 ? 12  DC  B N1    1 
ATOM   231 C C2    . DC  B 1 2  ? 0.855   -11.977 -2.183  1.00 36.36 ? 12  DC  B C2    1 
ATOM   232 O O2    . DC  B 1 2  ? 1.369   -12.330 -1.117  1.00 36.94 ? 12  DC  B O2    1 
ATOM   233 N N3    . DC  B 1 2  ? 1.567   -11.335 -3.126  1.00 34.28 ? 12  DC  B N3    1 
ATOM   234 C C4    . DC  B 1 2  ? 0.981   -10.964 -4.266  1.00 35.38 ? 12  DC  B C4    1 
ATOM   235 N N4    . DC  B 1 2  ? 1.726   -10.344 -5.176  1.00 30.65 ? 12  DC  B N4    1 
ATOM   236 C C5    . DC  B 1 2  ? -0.401  -11.218 -4.523  1.00 36.58 ? 12  DC  B C5    1 
ATOM   237 C C6    . DC  B 1 2  ? -1.100  -11.858 -3.576  1.00 36.86 ? 12  DC  B C6    1 
ATOM   238 P P     . DA  B 1 3  ? -4.471  -12.993 1.343   1.00 52.25 ? 13  DA  B P     1 
ATOM   239 O OP1   . DA  B 1 3  ? -5.586  -13.874 1.769   1.00 53.26 ? 13  DA  B OP1   1 
ATOM   240 O OP2   . DA  B 1 3  ? -4.748  -11.815 0.486   1.00 52.80 ? 13  DA  B OP2   1 
ATOM   241 O "O5'" . DA  B 1 3  ? -3.619  -12.541 2.607   1.00 51.02 ? 13  DA  B "O5'" 1 
ATOM   242 C "C5'" . DA  B 1 3  ? -2.610  -13.406 3.126   1.00 47.97 ? 13  DA  B "C5'" 1 
ATOM   243 C "C4'" . DA  B 1 3  ? -1.447  -12.604 3.664   1.00 45.01 ? 13  DA  B "C4'" 1 
ATOM   244 O "O4'" . DA  B 1 3  ? -0.670  -12.026 2.589   1.00 43.25 ? 13  DA  B "O4'" 1 
ATOM   245 C "C3'" . DA  B 1 3  ? -1.840  -11.442 4.572   1.00 43.18 ? 13  DA  B "C3'" 1 
ATOM   246 O "O3'" . DA  B 1 3  ? -0.893  -11.349 5.626   1.00 42.96 ? 13  DA  B "O3'" 1 
ATOM   247 C "C2'" . DA  B 1 3  ? -1.736  -10.232 3.663   1.00 42.43 ? 13  DA  B "C2'" 1 
ATOM   248 C "C1'" . DA  B 1 3  ? -0.567  -10.619 2.772   1.00 41.56 ? 13  DA  B "C1'" 1 
ATOM   249 N N9    . DA  B 1 3  ? -0.569  -10.001 1.451   1.00 36.81 ? 13  DA  B N9    1 
ATOM   250 C C8    . DA  B 1 3  ? -1.621  -9.778  0.609   1.00 35.42 ? 13  DA  B C8    1 
ATOM   251 N N7    . DA  B 1 3  ? -1.278  -9.234  -0.534  1.00 36.15 ? 13  DA  B N7    1 
ATOM   252 C C5    . DA  B 1 3  ? 0.103   -9.085  -0.428  1.00 34.56 ? 13  DA  B C5    1 
ATOM   253 C C6    . DA  B 1 3  ? 1.078   -8.573  -1.308  1.00 31.55 ? 13  DA  B C6    1 
ATOM   254 N N6    . DA  B 1 3  ? 0.813   -8.118  -2.530  1.00 27.04 ? 13  DA  B N6    1 
ATOM   255 N N1    . DA  B 1 3  ? 2.353   -8.556  -0.885  1.00 31.68 ? 13  DA  B N1    1 
ATOM   256 C C2    . DA  B 1 3  ? 2.632   -9.033  0.332   1.00 34.49 ? 13  DA  B C2    1 
ATOM   257 N N3    . DA  B 1 3  ? 1.813   -9.549  1.242   1.00 35.57 ? 13  DA  B N3    1 
ATOM   258 C C4    . DA  B 1 3  ? 0.546   -9.541  0.794   1.00 35.90 ? 13  DA  B C4    1 
ATOM   259 P P     . DT  B 1 4  ? -1.081  -10.237 6.762   1.00 44.28 ? 14  DT  B P     1 
ATOM   260 O OP1   . DT  B 1 4  ? -0.757  -10.911 8.041   1.00 44.07 ? 14  DT  B OP1   1 
ATOM   261 O OP2   . DT  B 1 4  ? -2.391  -9.552  6.584   1.00 45.80 ? 14  DT  B OP2   1 
ATOM   262 O "O5'" . DT  B 1 4  ? 0.054   -9.175  6.427   1.00 43.67 ? 14  DT  B "O5'" 1 
ATOM   263 C "C5'" . DT  B 1 4  ? 1.402   -9.595  6.270   1.00 40.83 ? 14  DT  B "C5'" 1 
ATOM   264 C "C4'" . DT  B 1 4  ? 2.258   -8.444  5.805   1.00 38.67 ? 14  DT  B "C4'" 1 
ATOM   265 O "O4'" . DT  B 1 4  ? 2.038   -8.166  4.401   1.00 36.67 ? 14  DT  B "O4'" 1 
ATOM   266 C "C3'" . DT  B 1 4  ? 2.016   -7.130  6.549   1.00 38.21 ? 14  DT  B "C3'" 1 
ATOM   267 O "O3'" . DT  B 1 4  ? 3.250   -6.677  7.057   1.00 39.17 ? 14  DT  B "O3'" 1 
ATOM   268 C "C2'" . DT  B 1 4  ? 1.496   -6.180  5.480   1.00 36.62 ? 14  DT  B "C2'" 1 
ATOM   269 C "C1'" . DT  B 1 4  ? 2.059   -6.771  4.197   1.00 35.86 ? 14  DT  B "C1'" 1 
ATOM   270 N N1    . DT  B 1 4  ? 1.275   -6.480  2.986   1.00 33.08 ? 14  DT  B N1    1 
ATOM   271 C C2    . DT  B 1 4  ? 1.943   -6.091  1.847   1.00 32.60 ? 14  DT  B C2    1 
ATOM   272 O O2    . DT  B 1 4  ? 3.157   -5.991  1.783   1.00 32.86 ? 14  DT  B O2    1 
ATOM   273 N N3    . DT  B 1 4  ? 1.136   -5.822  0.774   1.00 30.42 ? 14  DT  B N3    1 
ATOM   274 C C4    . DT  B 1 4  ? -0.244  -5.901  0.722   1.00 31.20 ? 14  DT  B C4    1 
ATOM   275 O O4    . DT  B 1 4  ? -0.829  -5.635  -0.321  1.00 27.87 ? 14  DT  B O4    1 
ATOM   276 C C5    . DT  B 1 4  ? -0.882  -6.314  1.951   1.00 31.46 ? 14  DT  B C5    1 
ATOM   277 C C7    . DT  B 1 4  ? -2.375  -6.409  2.009   1.00 31.88 ? 14  DT  B C7    1 
ATOM   278 C C6    . DT  B 1 4  ? -0.097  -6.590  3.002   1.00 33.57 ? 14  DT  B C6    1 
ATOM   279 P P     . DT  B 1 5  ? 3.321   -5.304  7.863   1.00 40.14 ? 15  DT  B P     1 
ATOM   280 O OP1   . DT  B 1 5  ? 4.165   -5.611  9.054   1.00 39.71 ? 15  DT  B OP1   1 
ATOM   281 O OP2   . DT  B 1 5  ? 1.974   -4.703  8.035   1.00 39.04 ? 15  DT  B OP2   1 
ATOM   282 O "O5'" . DT  B 1 5  ? 4.155   -4.392  6.877   1.00 34.14 ? 15  DT  B "O5'" 1 
ATOM   283 C "C5'" . DT  B 1 5  ? 5.314   -4.925  6.268   1.00 31.19 ? 15  DT  B "C5'" 1 
ATOM   284 C "C4'" . DT  B 1 5  ? 5.790   -4.009  5.174   1.00 27.91 ? 15  DT  B "C4'" 1 
ATOM   285 O "O4'" . DT  B 1 5  ? 4.799   -3.953  4.125   1.00 25.24 ? 15  DT  B "O4'" 1 
ATOM   286 C "C3'" . DT  B 1 5  ? 6.040   -2.566  5.616   1.00 28.57 ? 15  DT  B "C3'" 1 
ATOM   287 O "O3'" . DT  B 1 5  ? 7.304   -2.186  5.092   1.00 29.44 ? 15  DT  B "O3'" 1 
ATOM   288 C "C2'" . DT  B 1 5  ? 4.885   -1.793  5.003   1.00 25.44 ? 15  DT  B "C2'" 1 
ATOM   289 C "C1'" . DT  B 1 5  ? 4.567   -2.616  3.753   1.00 27.72 ? 15  DT  B "C1'" 1 
ATOM   290 N N1    . DT  B 1 5  ? 3.189   -2.557  3.224   1.00 25.87 ? 15  DT  B N1    1 
ATOM   291 C C2    . DT  B 1 5  ? 2.998   -2.279  1.875   1.00 25.28 ? 15  DT  B C2    1 
ATOM   292 O O2    . DT  B 1 5  ? 3.892   -1.973  1.110   1.00 23.64 ? 15  DT  B O2    1 
ATOM   293 N N3    . DT  B 1 5  ? 1.699   -2.374  1.451   1.00 24.65 ? 15  DT  B N3    1 
ATOM   294 C C4    . DT  B 1 5  ? 0.590   -2.694  2.203   1.00 25.78 ? 15  DT  B C4    1 
ATOM   295 O O4    . DT  B 1 5  ? -0.510  -2.791  1.658   1.00 22.88 ? 15  DT  B O4    1 
ATOM   296 C C5    . DT  B 1 5  ? 0.842   -2.903  3.621   1.00 26.36 ? 15  DT  B C5    1 
ATOM   297 C C7    . DT  B 1 5  ? -0.319  -3.175  4.532   1.00 22.72 ? 15  DT  B C7    1 
ATOM   298 C C6    . DT  B 1 5  ? 2.117   -2.827  4.054   1.00 26.08 ? 15  DT  B C6    1 
ATOM   299 P P     . DA  B 1 6  ? 7.949   -0.772  5.483   1.00 31.92 ? 16  DA  B P     1 
ATOM   300 O OP1   . DA  B 1 6  ? 9.420   -1.016  5.435   1.00 27.64 ? 16  DA  B OP1   1 
ATOM   301 O OP2   . DA  B 1 6  ? 7.312   -0.189  6.661   1.00 28.20 ? 16  DA  B OP2   1 
ATOM   302 O "O5'" . DA  B 1 6  ? 7.559   0.138   4.243   1.00 24.83 ? 16  DA  B "O5'" 1 
ATOM   303 C "C5'" . DA  B 1 6  ? 8.041   -0.189  2.965   1.00 22.58 ? 16  DA  B "C5'" 1 
ATOM   304 C "C4'" . DA  B 1 6  ? 7.557   0.825   1.963   1.00 21.74 ? 16  DA  B "C4'" 1 
ATOM   305 O "O4'" . DA  B 1 6  ? 6.160   0.603   1.670   1.00 21.97 ? 16  DA  B "O4'" 1 
ATOM   306 C "C3'" . DA  B 1 6  ? 7.683   2.275   2.415   1.00 22.43 ? 16  DA  B "C3'" 1 
ATOM   307 O "O3'" . DA  B 1 6  ? 8.420   2.955   1.405   1.00 19.08 ? 16  DA  B "O3'" 1 
ATOM   308 C "C2'" . DA  B 1 6  ? 6.236   2.748   2.579   1.00 22.29 ? 16  DA  B "C2'" 1 
ATOM   309 C "C1'" . DA  B 1 6  ? 5.469   1.831   1.613   1.00 22.15 ? 16  DA  B "C1'" 1 
ATOM   310 N N9    . DA  B 1 6  ? 4.061   1.538   1.936   1.00 22.11 ? 16  DA  B N9    1 
ATOM   311 C C8    . DA  B 1 6  ? 3.552   1.139   3.147   1.00 22.98 ? 16  DA  B C8    1 
ATOM   312 N N7    . DA  B 1 6  ? 2.264   0.875   3.121   1.00 21.91 ? 16  DA  B N7    1 
ATOM   313 C C5    . DA  B 1 6  ? 1.900   1.139   1.810   1.00 20.52 ? 16  DA  B C5    1 
ATOM   314 C C6    . DA  B 1 6  ? 0.666   1.050   1.142   1.00 17.89 ? 16  DA  B C6    1 
ATOM   315 N N6    . DA  B 1 6  ? -0.461  0.621   1.730   1.00 15.71 ? 16  DA  B N6    1 
ATOM   316 N N1    . DA  B 1 6  ? 0.628   1.403   -0.163  1.00 18.88 ? 16  DA  B N1    1 
ATOM   317 C C2    . DA  B 1 6  ? 1.766   1.791   -0.754  1.00 19.70 ? 16  DA  B C2    1 
ATOM   318 N N3    . DA  B 1 6  ? 3.000   1.895   -0.232  1.00 21.38 ? 16  DA  B N3    1 
ATOM   319 C C4    . DA  B 1 6  ? 2.992   1.558   1.070   1.00 19.25 ? 16  DA  B C4    1 
ATOM   320 P P     . DA  B 1 7  ? 8.615   4.530   1.468   1.00 20.18 ? 17  DA  B P     1 
ATOM   321 O OP1   . DA  B 1 7  ? 9.890   4.800   0.795   1.00 17.72 ? 17  DA  B OP1   1 
ATOM   322 O OP2   . DA  B 1 7  ? 8.350   5.117   2.802   1.00 19.70 ? 17  DA  B OP2   1 
ATOM   323 O "O5'" . DA  B 1 7  ? 7.437   5.038   0.513   1.00 21.98 ? 17  DA  B "O5'" 1 
ATOM   324 C "C5'" . DA  B 1 7  ? 7.342   4.512   -0.804  1.00 24.71 ? 17  DA  B "C5'" 1 
ATOM   325 C "C4'" . DA  B 1 7  ? 6.215   5.179   -1.549  1.00 27.52 ? 17  DA  B "C4'" 1 
ATOM   326 O "O4'" . DA  B 1 7  ? 4.968   4.676   -1.032  1.00 27.85 ? 17  DA  B "O4'" 1 
ATOM   327 C "C3'" . DA  B 1 7  ? 6.166   6.702   -1.403  1.00 29.06 ? 17  DA  B "C3'" 1 
ATOM   328 O "O3'" . DA  B 1 7  ? 6.048   7.287   -2.712  1.00 34.48 ? 17  DA  B "O3'" 1 
ATOM   329 C "C2'" . DA  B 1 7  ? 4.952   6.943   -0.516  1.00 27.75 ? 17  DA  B "C2'" 1 
ATOM   330 C "C1'" . DA  B 1 7  ? 4.075   5.747   -0.840  1.00 26.37 ? 17  DA  B "C1'" 1 
ATOM   331 N N9    . DA  B 1 7  ? 3.093   5.321   0.154   1.00 26.18 ? 17  DA  B N9    1 
ATOM   332 C C8    . DA  B 1 7  ? 3.280   5.093   1.490   1.00 24.70 ? 17  DA  B C8    1 
ATOM   333 N N7    . DA  B 1 7  ? 2.201   4.688   2.109   1.00 21.72 ? 17  DA  B N7    1 
ATOM   334 C C5    . DA  B 1 7  ? 1.234   4.656   1.119   1.00 21.28 ? 17  DA  B C5    1 
ATOM   335 C C6    . DA  B 1 7  ? -0.120  4.327   1.142   1.00 17.39 ? 17  DA  B C6    1 
ATOM   336 N N6    . DA  B 1 7  ? -0.772  3.922   2.231   1.00 17.67 ? 17  DA  B N6    1 
ATOM   337 N N1    . DA  B 1 7  ? -0.803  4.413   -0.016  1.00 22.08 ? 17  DA  B N1    1 
ATOM   338 C C2    . DA  B 1 7  ? -0.155  4.788   -1.114  1.00 17.49 ? 17  DA  B C2    1 
ATOM   339 N N3    . DA  B 1 7  ? 1.113   5.121   -1.264  1.00 24.84 ? 17  DA  B N3    1 
ATOM   340 C C4    . DA  B 1 7  ? 1.764   5.041   -0.090  1.00 23.35 ? 17  DA  B C4    1 
ATOM   341 P P     . DT  B 1 8  ? 6.002   8.884   -2.873  1.00 37.82 ? 18  DT  B P     1 
ATOM   342 O OP1   . DT  B 1 8  ? 6.575   9.213   -4.201  1.00 38.76 ? 18  DT  B OP1   1 
ATOM   343 O OP2   . DT  B 1 8  ? 6.555   9.525   -1.647  1.00 39.64 ? 18  DT  B OP2   1 
ATOM   344 O "O5'" . DT  B 1 8  ? 4.439   9.174   -2.920  1.00 39.65 ? 18  DT  B "O5'" 1 
ATOM   345 C "C5'" . DT  B 1 8  ? 3.620   8.417   -3.797  1.00 40.67 ? 18  DT  B "C5'" 1 
ATOM   346 C "C4'" . DT  B 1 8  ? 2.182   8.858   -3.689  1.00 40.25 ? 18  DT  B "C4'" 1 
ATOM   347 O "O4'" . DT  B 1 8  ? 1.493   8.185   -2.613  1.00 38.12 ? 18  DT  B "O4'" 1 
ATOM   348 C "C3'" . DT  B 1 8  ? 1.996   10.355  -3.456  1.00 41.80 ? 18  DT  B "C3'" 1 
ATOM   349 O "O3'" . DT  B 1 8  ? 0.967   10.813  -4.321  1.00 46.26 ? 18  DT  B "O3'" 1 
ATOM   350 C "C2'" . DT  B 1 8  ? 1.542   10.434  -2.010  1.00 38.93 ? 18  DT  B "C2'" 1 
ATOM   351 C "C1'" . DT  B 1 8  ? 0.759   9.146   -1.888  1.00 35.40 ? 18  DT  B "C1'" 1 
ATOM   352 N N1    . DT  B 1 8  ? 0.547   8.637   -0.522  1.00 29.54 ? 18  DT  B N1    1 
ATOM   353 C C2    . DT  B 1 8  ? -0.676  8.093   -0.290  1.00 25.03 ? 18  DT  B C2    1 
ATOM   354 O O2    . DT  B 1 8  ? -1.511  7.969   -1.151  1.00 24.15 ? 18  DT  B O2    1 
ATOM   355 N N3    . DT  B 1 8  ? -0.891  7.684   0.988   1.00 21.77 ? 18  DT  B N3    1 
ATOM   356 C C4    . DT  B 1 8  ? -0.012  7.732   2.040   1.00 22.08 ? 18  DT  B C4    1 
ATOM   357 O O4    . DT  B 1 8  ? -0.361  7.306   3.147   1.00 19.17 ? 18  DT  B O4    1 
ATOM   358 C C5    . DT  B 1 8  ? 1.275   8.292   1.734   1.00 22.27 ? 18  DT  B C5    1 
ATOM   359 C C7    . DT  B 1 8  ? 2.296   8.371   2.831   1.00 23.62 ? 18  DT  B C7    1 
ATOM   360 C C6    . DT  B 1 8  ? 1.498   8.717   0.478   1.00 24.38 ? 18  DT  B C6    1 
ATOM   361 P P     . DG  B 1 9  ? 0.748   12.385  -4.540  1.00 48.43 ? 19  DG  B P     1 
ATOM   362 O OP1   . DG  B 1 9  ? 1.424   12.740  -5.812  1.00 50.77 ? 19  DG  B OP1   1 
ATOM   363 O OP2   . DG  B 1 9  ? 1.073   13.130  -3.304  1.00 47.58 ? 19  DG  B OP2   1 
ATOM   364 O "O5'" . DG  B 1 9  ? -0.821  12.465  -4.772  1.00 46.62 ? 19  DG  B "O5'" 1 
ATOM   365 C "C5'" . DG  B 1 9  ? -1.538  11.336  -5.249  1.00 42.89 ? 19  DG  B "C5'" 1 
ATOM   366 C "C4'" . DG  B 1 9  ? -2.978  11.442  -4.813  1.00 41.62 ? 19  DG  B "C4'" 1 
ATOM   367 O "O4'" . DG  B 1 9  ? -3.169  10.918  -3.477  1.00 39.49 ? 19  DG  B "O4'" 1 
ATOM   368 C "C3'" . DG  B 1 9  ? -3.464  12.887  -4.769  1.00 40.61 ? 19  DG  B "C3'" 1 
ATOM   369 O "O3'" . DG  B 1 9  ? -4.828  12.912  -5.174  1.00 41.52 ? 19  DG  B "O3'" 1 
ATOM   370 C "C2'" . DG  B 1 9  ? -3.312  13.264  -3.305  1.00 38.32 ? 19  DG  B "C2'" 1 
ATOM   371 C "C1'" . DG  B 1 9  ? -3.608  11.948  -2.599  1.00 35.17 ? 19  DG  B "C1'" 1 
ATOM   372 N N9    . DG  B 1 9  ? -2.912  11.766  -1.332  1.00 29.66 ? 19  DG  B N9    1 
ATOM   373 C C8    . DG  B 1 9  ? -1.606  12.093  -1.051  1.00 29.39 ? 19  DG  B C8    1 
ATOM   374 N N7    . DG  B 1 9  ? -1.240  11.753  0.156   1.00 28.89 ? 19  DG  B N7    1 
ATOM   375 C C5    . DG  B 1 9  ? -2.379  11.178  0.712   1.00 26.18 ? 19  DG  B C5    1 
ATOM   376 C C6    . DG  B 1 9  ? -2.590  10.613  1.988   1.00 24.14 ? 19  DG  B C6    1 
ATOM   377 O O6    . DG  B 1 9  ? -1.779  10.456  2.901   1.00 23.35 ? 19  DG  B O6    1 
ATOM   378 N N1    . DG  B 1 9  ? -3.896  10.182  2.147   1.00 22.94 ? 19  DG  B N1    1 
ATOM   379 C C2    . DG  B 1 9  ? -4.878  10.260  1.184   1.00 23.37 ? 19  DG  B C2    1 
ATOM   380 N N2    . DG  B 1 9  ? -6.077  9.786   1.528   1.00 22.72 ? 19  DG  B N2    1 
ATOM   381 N N3    . DG  B 1 9  ? -4.690  10.761  -0.018  1.00 23.83 ? 19  DG  B N3    1 
ATOM   382 C C4    . DG  B 1 9  ? -3.427  11.202  -0.188  1.00 28.88 ? 19  DG  B C4    1 
ATOM   383 P P     . DG  B 1 10 ? -5.552  14.313  -5.460  1.00 40.23 ? 20  DG  B P     1 
ATOM   384 O OP1   . DG  B 1 10 ? -6.312  14.093  -6.714  1.00 42.68 ? 20  DG  B OP1   1 
ATOM   385 O OP2   . DG  B 1 10 ? -4.592  15.442  -5.367  1.00 38.74 ? 20  DG  B OP2   1 
ATOM   386 O "O5'" . DG  B 1 10 ? -6.553  14.422  -4.233  1.00 38.23 ? 20  DG  B "O5'" 1 
ATOM   387 C "C5'" . DG  B 1 10 ? -7.481  13.386  -3.953  1.00 34.93 ? 20  DG  B "C5'" 1 
ATOM   388 C "C4'" . DG  B 1 10 ? -8.210  13.703  -2.673  1.00 33.51 ? 20  DG  B "C4'" 1 
ATOM   389 O "O4'" . DG  B 1 10 ? -7.370  13.401  -1.526  1.00 33.65 ? 20  DG  B "O4'" 1 
ATOM   390 C "C3'" . DG  B 1 10 ? -8.573  15.185  -2.541  1.00 31.47 ? 20  DG  B "C3'" 1 
ATOM   391 O "O3'" . DG  B 1 10 ? -9.776  15.257  -1.794  1.00 29.01 ? 20  DG  B "O3'" 1 
ATOM   392 C "C2'" . DG  B 1 10 ? -7.456  15.725  -1.657  1.00 31.11 ? 20  DG  B "C2'" 1 
ATOM   393 C "C1'" . DG  B 1 10 ? -7.281  14.557  -0.711  1.00 29.55 ? 20  DG  B "C1'" 1 
ATOM   394 N N9    . DG  B 1 10 ? -6.030  14.487  0.041   1.00 28.09 ? 20  DG  B N9    1 
ATOM   395 C C8    . DG  B 1 10 ? -4.782  14.923  -0.338  1.00 24.70 ? 20  DG  B C8    1 
ATOM   396 N N7    . DG  B 1 10 ? -3.863  14.675  0.564   1.00 25.80 ? 20  DG  B N7    1 
ATOM   397 C C5    . DG  B 1 10 ? -4.554  14.043  1.597   1.00 24.05 ? 20  DG  B C5    1 
ATOM   398 C C6    . DG  B 1 10 ? -4.093  13.512  2.833   1.00 24.14 ? 20  DG  B C6    1 
ATOM   399 O O6    . DG  B 1 10 ? -2.946  13.470  3.270   1.00 26.44 ? 20  DG  B O6    1 
ATOM   400 N N1    . DG  B 1 10 ? -5.135  12.967  3.582   1.00 20.83 ? 20  DG  B N1    1 
ATOM   401 C C2    . DG  B 1 10 ? -6.440  12.907  3.181   1.00 22.59 ? 20  DG  B C2    1 
ATOM   402 N N2    . DG  B 1 10 ? -7.294  12.312  4.030   1.00 19.08 ? 20  DG  B N2    1 
ATOM   403 N N3    . DG  B 1 10 ? -6.878  13.387  2.031   1.00 22.67 ? 20  DG  B N3    1 
ATOM   404 C C4    . DG  B 1 10 ? -5.891  13.935  1.295   1.00 23.83 ? 20  DG  B C4    1 
HETATM 405 O O     . DOD C 2 .  ? -4.279  7.768   12.734  1.00 34.10 ? 27  DOD A O     1 
HETATM 406 O O     . DOD C 2 .  ? -5.040  3.476   5.744   1.00 27.02 ? 29  DOD A O     1 
HETATM 407 O O     . DOD C 2 .  ? -8.622  12.563  7.091   1.00 34.92 ? 30  DOD A O     1 
HETATM 408 O O     . DOD C 2 .  ? -8.589  0.658   -1.084  1.00 39.72 ? 38  DOD A O     1 
HETATM 409 O O     . DOD C 2 .  ? -2.398  4.529   6.226   1.00 25.83 ? 39  DOD A O     1 
HETATM 410 O O     . DOD C 2 .  ? -3.724  0.863   4.160   1.00 40.95 ? 42  DOD A O     1 
HETATM 411 O O     . DOD C 2 .  ? -2.316  7.759   14.677  1.00 44.98 ? 45  DOD A O     1 
HETATM 412 O O     . DOD C 2 .  ? -9.611  9.368   4.100   1.00 42.39 ? 46  DOD A O     1 
HETATM 413 O O     . DOD C 2 .  ? -8.396  -0.523  -3.921  1.00 55.52 ? 47  DOD A O     1 
HETATM 414 O O     . DOD C 2 .  ? 8.121   -10.233 -6.974  1.00 47.38 ? 49  DOD A O     1 
HETATM 415 O O     . DOD C 2 .  ? -11.903 5.323   9.514   1.00 45.97 ? 53  DOD A O     1 
HETATM 416 O O     . DOD C 2 .  ? -2.169  -0.929  -7.831  1.00 39.50 ? 57  DOD A O     1 
HETATM 417 O O     . DOD C 2 .  ? -6.277  3.159   7.843   1.00 48.12 ? 59  DOD A O     1 
HETATM 418 O O     . DOD C 2 .  ? 10.687  -13.754 -4.939  1.00 56.11 ? 62  DOD A O     1 
HETATM 419 O O     . DOD C 2 .  ? -6.152  0.177   -5.339  1.00 43.29 ? 63  DOD A O     1 
HETATM 420 O O     . DOD C 2 .  ? -5.935  5.757   10.145  1.00 44.16 ? 64  DOD A O     1 
HETATM 421 O O     . DOD C 2 .  ? 5.305   -15.481 4.018   1.00 42.22 ? 66  DOD A O     1 
HETATM 422 O O     . DOD C 2 .  ? -6.967  7.671   -1.699  1.00 33.91 ? 67  DOD A O     1 
HETATM 423 O O     . DOD C 2 .  ? -10.706 11.068  5.571   1.00 51.04 ? 68  DOD A O     1 
HETATM 424 O O     . DOD C 2 .  ? 8.704   -6.426  -6.308  1.00 52.97 ? 70  DOD A O     1 
HETATM 425 O O     . DOD C 2 .  ? 4.404   -14.869 1.710   1.00 55.61 ? 71  DOD A O     1 
HETATM 426 O O     . DOD C 2 .  ? 12.443  -6.293  -5.857  1.00 62.52 ? 73  DOD A O     1 
HETATM 427 O O     . DOD C 2 .  ? -5.074  0.883   8.728   1.00 59.84 ? 74  DOD A O     1 
HETATM 428 O O     . DOD C 2 .  ? -13.494 7.676   5.662   1.00 37.52 ? 77  DOD A O     1 
HETATM 429 O O     . DOD C 2 .  ? -3.111  6.306   -3.593  1.00 35.31 ? 78  DOD A O     1 
HETATM 430 O O     . DOD C 2 .  ? 8.765   -0.394  -9.469  1.00 47.14 ? 79  DOD A O     1 
HETATM 431 O O     . DOD C 2 .  ? 6.694   3.606   -7.519  1.00 54.72 ? 82  DOD A O     1 
HETATM 432 O O     . DOD C 2 .  ? 3.039   -15.279 5.156   1.00 61.91 ? 84  DOD A O     1 
HETATM 433 O O     . DOD C 2 .  ? -12.921 7.532   10.981  1.00 51.16 ? 85  DOD A O     1 
HETATM 434 O O     . DOD C 2 .  ? -7.579  -3.267  -3.279  1.00 40.90 ? 86  DOD A O     1 
HETATM 435 O O     . DOD C 2 .  ? -11.476 1.773   -5.009  1.00 57.53 ? 87  DOD A O     1 
HETATM 436 O O     . DOD C 2 .  ? -0.615  6.199   -5.277  1.00 42.30 ? 94  DOD A O     1 
HETATM 437 O O     . DOD C 2 .  ? -6.292  -0.605  4.169   1.00 48.67 ? 95  DOD A O     1 
HETATM 438 O O     . DOD C 2 .  ? -6.819  7.487   -6.496  1.00 51.96 ? 97  DOD A O     1 
HETATM 439 O O     . DOD C 2 .  ? -8.765  3.327   9.878   1.00 79.75 ? 100 DOD A O     1 
HETATM 440 O O     . DOD C 2 .  ? 1.879   -7.055  -6.402  1.00 32.09 ? 102 DOD A O     1 
HETATM 441 O O     . DOD C 2 .  ? 6.638   -3.134  -9.508  1.00 73.47 ? 103 DOD A O     1 
HETATM 442 O O     . DOD C 2 .  ? -13.014 7.182   13.892  1.00 63.99 ? 104 DOD A O     1 
HETATM 443 O O     . DOD C 2 .  ? -0.814  6.270   -9.142  1.00 61.98 ? 107 DOD A O     1 
HETATM 444 O O     . DOD D 2 .  ? 8.129   4.340   5.297   1.00 20.31 ? 21  DOD B O     1 
HETATM 445 O O     . DOD D 2 .  ? 6.230   -2.188  -0.327  1.00 20.76 ? 22  DOD B O     1 
HETATM 446 O O     . DOD D 2 .  ? 0.577   11.567  3.787   1.00 23.82 ? 23  DOD B O     1 
HETATM 447 O O     . DOD D 2 .  ? 4.693   1.720   -2.419  1.00 27.25 ? 24  DOD B O     1 
HETATM 448 O O     . DOD D 2 .  ? -0.402  3.443   5.283   1.00 26.01 ? 25  DOD B O     1 
HETATM 449 O O     . DOD D 2 .  ? -8.579  15.302  -6.795  1.00 39.13 ? 26  DOD B O     1 
HETATM 450 O O     . DOD D 2 .  ? 1.526   4.469   -3.740  1.00 39.69 ? 28  DOD B O     1 
HETATM 451 O O     . DOD D 2 .  ? 5.800   -6.187  2.076   1.00 26.75 ? 31  DOD B O     1 
HETATM 452 O O     . DOD D 2 .  ? -10.103 14.618  -9.444  1.00 37.14 ? 32  DOD B O     1 
HETATM 453 O O     . DOD D 2 .  ? 2.876   11.819  2.765   1.00 37.47 ? 33  DOD B O     1 
HETATM 454 O O     . DOD D 2 .  ? 1.628   1.030   5.758   1.00 33.13 ? 34  DOD B O     1 
HETATM 455 O O     . DOD D 2 .  ? 6.943   0.053   -1.419  1.00 33.84 ? 35  DOD B O     1 
HETATM 456 O O     . DOD D 2 .  ? -10.329 17.273  -0.295  1.00 27.37 ? 36  DOD B O     1 
HETATM 457 O O     . DOD D 2 .  ? 6.172   -4.008  9.848   1.00 48.72 ? 37  DOD B O     1 
HETATM 458 O O     . DOD D 2 .  ? 5.232   10.655  4.251   1.00 22.14 ? 40  DOD B O     1 
HETATM 459 O O     . DOD D 2 .  ? 3.919   9.136   5.884   1.00 16.78 ? 41  DOD B O     1 
HETATM 460 O O     . DOD D 2 .  ? 1.111   12.796  1.113   1.00 40.58 ? 43  DOD B O     1 
HETATM 461 O O     . DOD D 2 .  ? 3.945   -11.365 -8.870  1.00 33.33 ? 44  DOD B O     1 
HETATM 462 O O     . DOD D 2 .  ? -3.892  -3.985  4.658   1.00 42.17 ? 48  DOD B O     1 
HETATM 463 O O     . DOD D 2 .  ? -2.801  -2.371  2.618   1.00 50.05 ? 50  DOD B O     1 
HETATM 464 O O     . DOD D 2 .  ? -1.168  0.781   4.536   1.00 40.83 ? 51  DOD B O     1 
HETATM 465 O O     . DOD D 2 .  ? -6.532  11.066  -6.974  1.00 60.67 ? 52  DOD B O     1 
HETATM 466 O O     . DOD D 2 .  ? 1.205   13.861  3.426   1.00 42.79 ? 54  DOD B O     1 
HETATM 467 O O     . DOD D 2 .  ? -10.227 12.287  -10.359 1.00 44.14 ? 55  DOD B O     1 
HETATM 468 O O     . DOD D 2 .  ? 9.720   7.293   0.170   1.00 41.49 ? 56  DOD B O     1 
HETATM 469 O O     . DOD D 2 .  ? -1.730  -6.362  5.791   1.00 47.00 ? 58  DOD B O     1 
HETATM 470 O O     . DOD D 2 .  ? 4.181   15.246  -1.806  1.00 59.83 ? 60  DOD B O     1 
HETATM 471 O O     . DOD D 2 .  ? -0.659  -5.257  7.944   1.00 31.66 ? 61  DOD B O     1 
HETATM 472 O O     . DOD D 2 .  ? 5.543   3.579   5.732   1.00 26.54 ? 65  DOD B O     1 
HETATM 473 O O     . DOD D 2 .  ? -9.574  8.516   -0.918  1.00 48.60 ? 69  DOD B O     1 
HETATM 474 O O     . DOD D 2 .  ? -2.752  -2.583  7.923   1.00 46.85 ? 72  DOD B O     1 
HETATM 475 O O     . DOD D 2 .  ? 7.005   14.622  -3.321  1.00 56.38 ? 75  DOD B O     1 
HETATM 476 O O     . DOD D 2 .  ? 2.364   4.378   4.832   1.00 22.41 ? 76  DOD B O     1 
HETATM 477 O O     . DOD D 2 .  ? 5.745   -8.280  4.095   1.00 54.01 ? 80  DOD B O     1 
HETATM 478 O O     . DOD D 2 .  ? -3.492  -5.305  -1.093  1.00 48.94 ? 81  DOD B O     1 
HETATM 479 O O     . DOD D 2 .  ? 1.884   -1.554  7.155   1.00 60.46 ? 83  DOD B O     1 
HETATM 480 O O     . DOD D 2 .  ? -0.441  -13.771 7.098   1.00 47.81 ? 88  DOD B O     1 
HETATM 481 O O     . DOD D 2 .  ? -8.458  10.851  -12.734 1.00 37.19 ? 89  DOD B O     1 
HETATM 482 O O     . DOD D 2 .  ? -9.372  9.737   1.242   1.00 46.80 ? 90  DOD B O     1 
HETATM 483 O O     . DOD D 2 .  ? -4.114  -9.625  2.272   1.00 63.64 ? 91  DOD B O     1 
HETATM 484 O O     . DOD D 2 .  ? 4.094   3.725   -4.134  1.00 42.17 ? 92  DOD B O     1 
HETATM 485 O O     . DOD D 2 .  ? -1.092  -0.837  7.169   1.00 45.48 ? 93  DOD B O     1 
HETATM 486 O O     . DOD D 2 .  ? 2.249   -13.716 1.405   1.00 59.08 ? 96  DOD B O     1 
HETATM 487 O O     . DOD D 2 .  ? 7.824   11.978  4.672   1.00 62.87 ? 98  DOD B O     1 
HETATM 488 O O     . DOD D 2 .  ? -12.330 7.859   -0.872  1.00 62.15 ? 99  DOD B O     1 
HETATM 489 O O     . DOD D 2 .  ? 9.386   11.414  -1.756  1.00 64.23 ? 101 DOD B O     1 
HETATM 490 O O     . DOD D 2 .  ? 6.066   7.443   -6.118  1.00 49.17 ? 105 DOD B O     1 
HETATM 491 O O     . DOD D 2 .  ? -4.243  -16.253 3.134   1.00 61.07 ? 106 DOD B O     1 
# 
loop_
_pdbx_poly_seq_scheme.asym_id 
_pdbx_poly_seq_scheme.entity_id 
_pdbx_poly_seq_scheme.seq_id 
_pdbx_poly_seq_scheme.mon_id 
_pdbx_poly_seq_scheme.ndb_seq_num 
_pdbx_poly_seq_scheme.pdb_seq_num 
_pdbx_poly_seq_scheme.auth_seq_num 
_pdbx_poly_seq_scheme.pdb_mon_id 
_pdbx_poly_seq_scheme.auth_mon_id 
_pdbx_poly_seq_scheme.pdb_strand_id 
_pdbx_poly_seq_scheme.pdb_ins_code 
_pdbx_poly_seq_scheme.hetero 
A 1 1  DC 1  1  1  DC C A . n 
A 1 2  DC 2  2  2  DC C A . n 
A 1 3  DA 3  3  3  DA A A . n 
A 1 4  DT 4  4  4  DT T A . n 
A 1 5  DT 5  5  5  DT T A . n 
A 1 6  DA 6  6  6  DA A A . n 
A 1 7  DA 7  7  7  DA A A . n 
A 1 8  DT 8  8  8  DT T A . n 
A 1 9  DG 9  9  9  DG G A . n 
A 1 10 DG 10 10 10 DG G A . n 
B 1 1  DC 1  11 11 DC C B . n 
B 1 2  DC 2  12 12 DC C B . n 
B 1 3  DA 3  13 13 DA A B . n 
B 1 4  DT 4  14 14 DT T B . n 
B 1 5  DT 5  15 15 DT T B . n 
B 1 6  DA 6  16 16 DA A B . n 
B 1 7  DA 7  17 17 DA A B . n 
B 1 8  DT 8  18 18 DT T B . n 
B 1 9  DG 9  19 19 DG G B . n 
B 1 10 DG 10 20 20 DG G B . n 
# 
loop_
_pdbx_nonpoly_scheme.asym_id 
_pdbx_nonpoly_scheme.entity_id 
_pdbx_nonpoly_scheme.mon_id 
_pdbx_nonpoly_scheme.ndb_seq_num 
_pdbx_nonpoly_scheme.pdb_seq_num 
_pdbx_nonpoly_scheme.auth_seq_num 
_pdbx_nonpoly_scheme.pdb_mon_id 
_pdbx_nonpoly_scheme.auth_mon_id 
_pdbx_nonpoly_scheme.pdb_strand_id 
_pdbx_nonpoly_scheme.pdb_ins_code 
C 2 DOD 1  27  27  DOD DOD A . 
C 2 DOD 2  29  29  DOD DOD A . 
C 2 DOD 3  30  30  DOD DOD A . 
C 2 DOD 4  38  38  DOD DOD A . 
C 2 DOD 5  39  39  DOD DOD A . 
C 2 DOD 6  42  42  DOD DOD A . 
C 2 DOD 7  45  45  DOD DOD A . 
C 2 DOD 8  46  46  DOD DOD A . 
C 2 DOD 9  47  47  DOD DOD A . 
C 2 DOD 10 49  49  DOD DOD A . 
C 2 DOD 11 53  53  DOD DOD A . 
C 2 DOD 12 57  57  DOD DOD A . 
C 2 DOD 13 59  59  DOD DOD A . 
C 2 DOD 14 62  62  DOD DOD A . 
C 2 DOD 15 63  63  DOD DOD A . 
C 2 DOD 16 64  64  DOD DOD A . 
C 2 DOD 17 66  66  DOD DOD A . 
C 2 DOD 18 67  67  DOD DOD A . 
C 2 DOD 19 68  68  DOD DOD A . 
C 2 DOD 20 70  70  DOD DOD A . 
C 2 DOD 21 71  71  DOD DOD A . 
C 2 DOD 22 73  73  DOD DOD A . 
C 2 DOD 23 74  74  DOD DOD A . 
C 2 DOD 24 77  77  DOD DOD A . 
C 2 DOD 25 78  78  DOD DOD A . 
C 2 DOD 26 79  79  DOD DOD A . 
C 2 DOD 27 82  82  DOD DOD A . 
C 2 DOD 28 84  84  DOD DOD A . 
C 2 DOD 29 85  85  DOD DOD A . 
C 2 DOD 30 86  86  DOD DOD A . 
C 2 DOD 31 87  87  DOD DOD A . 
C 2 DOD 32 94  94  DOD DOD A . 
C 2 DOD 33 95  95  DOD DOD A . 
C 2 DOD 34 97  97  DOD DOD A . 
C 2 DOD 35 100 100 DOD DOD A . 
C 2 DOD 36 102 102 DOD DOD A . 
C 2 DOD 37 103 103 DOD DOD A . 
C 2 DOD 38 104 104 DOD DOD A . 
C 2 DOD 39 107 107 DOD DOD A . 
D 2 DOD 1  21  21  DOD DOD B . 
D 2 DOD 2  22  22  DOD DOD B . 
D 2 DOD 3  23  23  DOD DOD B . 
D 2 DOD 4  24  24  DOD DOD B . 
D 2 DOD 5  25  25  DOD DOD B . 
D 2 DOD 6  26  26  DOD DOD B . 
D 2 DOD 7  28  28  DOD DOD B . 
D 2 DOD 8  31  31  DOD DOD B . 
D 2 DOD 9  32  32  DOD DOD B . 
D 2 DOD 10 33  33  DOD DOD B . 
D 2 DOD 11 34  34  DOD DOD B . 
D 2 DOD 12 35  35  DOD DOD B . 
D 2 DOD 13 36  36  DOD DOD B . 
D 2 DOD 14 37  37  DOD DOD B . 
D 2 DOD 15 40  40  DOD DOD B . 
D 2 DOD 16 41  41  DOD DOD B . 
D 2 DOD 17 43  43  DOD DOD B . 
D 2 DOD 18 44  44  DOD DOD B . 
D 2 DOD 19 48  48  DOD DOD B . 
D 2 DOD 20 50  50  DOD DOD B . 
D 2 DOD 21 51  51  DOD DOD B . 
D 2 DOD 22 52  52  DOD DOD B . 
D 2 DOD 23 54  54  DOD DOD B . 
D 2 DOD 24 55  55  DOD DOD B . 
D 2 DOD 25 56  56  DOD DOD B . 
D 2 DOD 26 58  58  DOD DOD B . 
D 2 DOD 27 60  60  DOD DOD B . 
D 2 DOD 28 61  61  DOD DOD B . 
D 2 DOD 29 65  65  DOD DOD B . 
D 2 DOD 30 69  69  DOD DOD B . 
D 2 DOD 31 72  72  DOD DOD B . 
D 2 DOD 32 75  75  DOD DOD B . 
D 2 DOD 33 76  76  DOD DOD B . 
D 2 DOD 34 80  80  DOD DOD B . 
D 2 DOD 35 81  81  DOD DOD B . 
D 2 DOD 36 83  83  DOD DOD B . 
D 2 DOD 37 88  88  DOD DOD B . 
D 2 DOD 38 89  89  DOD DOD B . 
D 2 DOD 39 90  90  DOD DOD B . 
D 2 DOD 40 91  91  DOD DOD B . 
D 2 DOD 41 92  92  DOD DOD B . 
D 2 DOD 42 93  93  DOD DOD B . 
D 2 DOD 43 96  96  DOD DOD B . 
D 2 DOD 44 98  98  DOD DOD B . 
D 2 DOD 45 99  99  DOD DOD B . 
D 2 DOD 46 101 101 DOD DOD B . 
D 2 DOD 47 105 105 DOD DOD B . 
D 2 DOD 48 106 106 DOD DOD B . 
# 
_pdbx_struct_assembly.id                   1 
_pdbx_struct_assembly.details              author_defined_assembly 
_pdbx_struct_assembly.method_details       ? 
_pdbx_struct_assembly.oligomeric_details   dimeric 
_pdbx_struct_assembly.oligomeric_count     2 
# 
_pdbx_struct_assembly_gen.assembly_id       1 
_pdbx_struct_assembly_gen.oper_expression   1 
_pdbx_struct_assembly_gen.asym_id_list      A,B,C,D 
# 
_pdbx_struct_oper_list.id                   1 
_pdbx_struct_oper_list.type                 'identity operation' 
_pdbx_struct_oper_list.name                 1_555 
_pdbx_struct_oper_list.symmetry_operation   x,y,z 
_pdbx_struct_oper_list.matrix[1][1]         1.0000000000 
_pdbx_struct_oper_list.matrix[1][2]         0.0000000000 
_pdbx_struct_oper_list.matrix[1][3]         0.0000000000 
_pdbx_struct_oper_list.vector[1]            0.0000000000 
_pdbx_struct_oper_list.matrix[2][1]         0.0000000000 
_pdbx_struct_oper_list.matrix[2][2]         1.0000000000 
_pdbx_struct_oper_list.matrix[2][3]         0.0000000000 
_pdbx_struct_oper_list.vector[2]            0.0000000000 
_pdbx_struct_oper_list.matrix[3][1]         0.0000000000 
_pdbx_struct_oper_list.matrix[3][2]         0.0000000000 
_pdbx_struct_oper_list.matrix[3][3]         1.0000000000 
_pdbx_struct_oper_list.vector[3]            0.0000000000 
# 
loop_
_pdbx_audit_revision_history.ordinal 
_pdbx_audit_revision_history.data_content_type 
_pdbx_audit_revision_history.major_revision 
_pdbx_audit_revision_history.minor_revision 
_pdbx_audit_revision_history.revision_date 
1 'Structure model' 1 0 2005-06-21 
2 'Structure model' 1 1 2008-04-30 
3 'Structure model' 1 2 2011-07-13 
4 'Structure model' 1 3 2023-10-25 
# 
_pdbx_audit_revision_details.ordinal             1 
_pdbx_audit_revision_details.revision_ordinal    1 
_pdbx_audit_revision_details.data_content_type   'Structure model' 
_pdbx_audit_revision_details.provider            repository 
_pdbx_audit_revision_details.type                'Initial release' 
_pdbx_audit_revision_details.description         ? 
_pdbx_audit_revision_details.details             ? 
# 
loop_
_pdbx_audit_revision_group.ordinal 
_pdbx_audit_revision_group.revision_ordinal 
_pdbx_audit_revision_group.data_content_type 
_pdbx_audit_revision_group.group 
1 2 'Structure model' 'Version format compliance' 
2 3 'Structure model' 'Non-polymer description'   
3 3 'Structure model' 'Version format compliance' 
4 4 'Structure model' 'Data collection'           
5 4 'Structure model' 'Database references'       
6 4 'Structure model' 'Refinement description'    
# 
loop_
_pdbx_audit_revision_category.ordinal 
_pdbx_audit_revision_category.revision_ordinal 
_pdbx_audit_revision_category.data_content_type 
_pdbx_audit_revision_category.category 
1 4 'Structure model' chem_comp_atom                
2 4 'Structure model' chem_comp_bond                
3 4 'Structure model' database_2                    
4 4 'Structure model' pdbx_initial_refinement_model 
# 
loop_
_pdbx_audit_revision_item.ordinal 
_pdbx_audit_revision_item.revision_ordinal 
_pdbx_audit_revision_item.data_content_type 
_pdbx_audit_revision_item.item 
1 4 'Structure model' '_database_2.pdbx_DOI'                
2 4 'Structure model' '_database_2.pdbx_database_accession' 
# 
loop_
_software.name 
_software.classification 
_software.version 
_software.citation_id 
_software.pdbx_ordinal 
HKL-2000  'data collection' . ? 1 
SCALEPACK 'data scaling'    . ? 2 
CNS       refinement        . ? 3 
HKL-2000  'data reduction'  . ? 4 
CNS       phasing           . ? 5 
# 
loop_
_chem_comp_atom.comp_id 
_chem_comp_atom.atom_id 
_chem_comp_atom.type_symbol 
_chem_comp_atom.pdbx_aromatic_flag 
_chem_comp_atom.pdbx_stereo_config 
_chem_comp_atom.pdbx_ordinal 
DA  OP3    O N N 1   
DA  P      P N N 2   
DA  OP1    O N N 3   
DA  OP2    O N N 4   
DA  "O5'"  O N N 5   
DA  "C5'"  C N N 6   
DA  "C4'"  C N R 7   
DA  "O4'"  O N N 8   
DA  "C3'"  C N S 9   
DA  "O3'"  O N N 10  
DA  "C2'"  C N N 11  
DA  "C1'"  C N R 12  
DA  N9     N Y N 13  
DA  C8     C Y N 14  
DA  N7     N Y N 15  
DA  C5     C Y N 16  
DA  C6     C Y N 17  
DA  N6     N N N 18  
DA  N1     N Y N 19  
DA  C2     C Y N 20  
DA  N3     N Y N 21  
DA  C4     C Y N 22  
DA  HOP3   H N N 23  
DA  HOP2   H N N 24  
DA  "H5'"  H N N 25  
DA  "H5''" H N N 26  
DA  "H4'"  H N N 27  
DA  "H3'"  H N N 28  
DA  "HO3'" H N N 29  
DA  "H2'"  H N N 30  
DA  "H2''" H N N 31  
DA  "H1'"  H N N 32  
DA  H8     H N N 33  
DA  H61    H N N 34  
DA  H62    H N N 35  
DA  H2     H N N 36  
DC  OP3    O N N 37  
DC  P      P N N 38  
DC  OP1    O N N 39  
DC  OP2    O N N 40  
DC  "O5'"  O N N 41  
DC  "C5'"  C N N 42  
DC  "C4'"  C N R 43  
DC  "O4'"  O N N 44  
DC  "C3'"  C N S 45  
DC  "O3'"  O N N 46  
DC  "C2'"  C N N 47  
DC  "C1'"  C N R 48  
DC  N1     N N N 49  
DC  C2     C N N 50  
DC  O2     O N N 51  
DC  N3     N N N 52  
DC  C4     C N N 53  
DC  N4     N N N 54  
DC  C5     C N N 55  
DC  C6     C N N 56  
DC  HOP3   H N N 57  
DC  HOP2   H N N 58  
DC  "H5'"  H N N 59  
DC  "H5''" H N N 60  
DC  "H4'"  H N N 61  
DC  "H3'"  H N N 62  
DC  "HO3'" H N N 63  
DC  "H2'"  H N N 64  
DC  "H2''" H N N 65  
DC  "H1'"  H N N 66  
DC  H41    H N N 67  
DC  H42    H N N 68  
DC  H5     H N N 69  
DC  H6     H N N 70  
DG  OP3    O N N 71  
DG  P      P N N 72  
DG  OP1    O N N 73  
DG  OP2    O N N 74  
DG  "O5'"  O N N 75  
DG  "C5'"  C N N 76  
DG  "C4'"  C N R 77  
DG  "O4'"  O N N 78  
DG  "C3'"  C N S 79  
DG  "O3'"  O N N 80  
DG  "C2'"  C N N 81  
DG  "C1'"  C N R 82  
DG  N9     N Y N 83  
DG  C8     C Y N 84  
DG  N7     N Y N 85  
DG  C5     C Y N 86  
DG  C6     C N N 87  
DG  O6     O N N 88  
DG  N1     N N N 89  
DG  C2     C N N 90  
DG  N2     N N N 91  
DG  N3     N N N 92  
DG  C4     C Y N 93  
DG  HOP3   H N N 94  
DG  HOP2   H N N 95  
DG  "H5'"  H N N 96  
DG  "H5''" H N N 97  
DG  "H4'"  H N N 98  
DG  "H3'"  H N N 99  
DG  "HO3'" H N N 100 
DG  "H2'"  H N N 101 
DG  "H2''" H N N 102 
DG  "H1'"  H N N 103 
DG  H8     H N N 104 
DG  H1     H N N 105 
DG  H21    H N N 106 
DG  H22    H N N 107 
DOD O      O N N 108 
DOD D1     D N N 109 
DOD D2     D N N 110 
DT  OP3    O N N 111 
DT  P      P N N 112 
DT  OP1    O N N 113 
DT  OP2    O N N 114 
DT  "O5'"  O N N 115 
DT  "C5'"  C N N 116 
DT  "C4'"  C N R 117 
DT  "O4'"  O N N 118 
DT  "C3'"  C N S 119 
DT  "O3'"  O N N 120 
DT  "C2'"  C N N 121 
DT  "C1'"  C N R 122 
DT  N1     N N N 123 
DT  C2     C N N 124 
DT  O2     O N N 125 
DT  N3     N N N 126 
DT  C4     C N N 127 
DT  O4     O N N 128 
DT  C5     C N N 129 
DT  C7     C N N 130 
DT  C6     C N N 131 
DT  HOP3   H N N 132 
DT  HOP2   H N N 133 
DT  "H5'"  H N N 134 
DT  "H5''" H N N 135 
DT  "H4'"  H N N 136 
DT  "H3'"  H N N 137 
DT  "HO3'" H N N 138 
DT  "H2'"  H N N 139 
DT  "H2''" H N N 140 
DT  "H1'"  H N N 141 
DT  H3     H N N 142 
DT  H71    H N N 143 
DT  H72    H N N 144 
DT  H73    H N N 145 
DT  H6     H N N 146 
# 
loop_
_chem_comp_bond.comp_id 
_chem_comp_bond.atom_id_1 
_chem_comp_bond.atom_id_2 
_chem_comp_bond.value_order 
_chem_comp_bond.pdbx_aromatic_flag 
_chem_comp_bond.pdbx_stereo_config 
_chem_comp_bond.pdbx_ordinal 
DA  OP3   P      sing N N 1   
DA  OP3   HOP3   sing N N 2   
DA  P     OP1    doub N N 3   
DA  P     OP2    sing N N 4   
DA  P     "O5'"  sing N N 5   
DA  OP2   HOP2   sing N N 6   
DA  "O5'" "C5'"  sing N N 7   
DA  "C5'" "C4'"  sing N N 8   
DA  "C5'" "H5'"  sing N N 9   
DA  "C5'" "H5''" sing N N 10  
DA  "C4'" "O4'"  sing N N 11  
DA  "C4'" "C3'"  sing N N 12  
DA  "C4'" "H4'"  sing N N 13  
DA  "O4'" "C1'"  sing N N 14  
DA  "C3'" "O3'"  sing N N 15  
DA  "C3'" "C2'"  sing N N 16  
DA  "C3'" "H3'"  sing N N 17  
DA  "O3'" "HO3'" sing N N 18  
DA  "C2'" "C1'"  sing N N 19  
DA  "C2'" "H2'"  sing N N 20  
DA  "C2'" "H2''" sing N N 21  
DA  "C1'" N9     sing N N 22  
DA  "C1'" "H1'"  sing N N 23  
DA  N9    C8     sing Y N 24  
DA  N9    C4     sing Y N 25  
DA  C8    N7     doub Y N 26  
DA  C8    H8     sing N N 27  
DA  N7    C5     sing Y N 28  
DA  C5    C6     sing Y N 29  
DA  C5    C4     doub Y N 30  
DA  C6    N6     sing N N 31  
DA  C6    N1     doub Y N 32  
DA  N6    H61    sing N N 33  
DA  N6    H62    sing N N 34  
DA  N1    C2     sing Y N 35  
DA  C2    N3     doub Y N 36  
DA  C2    H2     sing N N 37  
DA  N3    C4     sing Y N 38  
DC  OP3   P      sing N N 39  
DC  OP3   HOP3   sing N N 40  
DC  P     OP1    doub N N 41  
DC  P     OP2    sing N N 42  
DC  P     "O5'"  sing N N 43  
DC  OP2   HOP2   sing N N 44  
DC  "O5'" "C5'"  sing N N 45  
DC  "C5'" "C4'"  sing N N 46  
DC  "C5'" "H5'"  sing N N 47  
DC  "C5'" "H5''" sing N N 48  
DC  "C4'" "O4'"  sing N N 49  
DC  "C4'" "C3'"  sing N N 50  
DC  "C4'" "H4'"  sing N N 51  
DC  "O4'" "C1'"  sing N N 52  
DC  "C3'" "O3'"  sing N N 53  
DC  "C3'" "C2'"  sing N N 54  
DC  "C3'" "H3'"  sing N N 55  
DC  "O3'" "HO3'" sing N N 56  
DC  "C2'" "C1'"  sing N N 57  
DC  "C2'" "H2'"  sing N N 58  
DC  "C2'" "H2''" sing N N 59  
DC  "C1'" N1     sing N N 60  
DC  "C1'" "H1'"  sing N N 61  
DC  N1    C2     sing N N 62  
DC  N1    C6     sing N N 63  
DC  C2    O2     doub N N 64  
DC  C2    N3     sing N N 65  
DC  N3    C4     doub N N 66  
DC  C4    N4     sing N N 67  
DC  C4    C5     sing N N 68  
DC  N4    H41    sing N N 69  
DC  N4    H42    sing N N 70  
DC  C5    C6     doub N N 71  
DC  C5    H5     sing N N 72  
DC  C6    H6     sing N N 73  
DG  OP3   P      sing N N 74  
DG  OP3   HOP3   sing N N 75  
DG  P     OP1    doub N N 76  
DG  P     OP2    sing N N 77  
DG  P     "O5'"  sing N N 78  
DG  OP2   HOP2   sing N N 79  
DG  "O5'" "C5'"  sing N N 80  
DG  "C5'" "C4'"  sing N N 81  
DG  "C5'" "H5'"  sing N N 82  
DG  "C5'" "H5''" sing N N 83  
DG  "C4'" "O4'"  sing N N 84  
DG  "C4'" "C3'"  sing N N 85  
DG  "C4'" "H4'"  sing N N 86  
DG  "O4'" "C1'"  sing N N 87  
DG  "C3'" "O3'"  sing N N 88  
DG  "C3'" "C2'"  sing N N 89  
DG  "C3'" "H3'"  sing N N 90  
DG  "O3'" "HO3'" sing N N 91  
DG  "C2'" "C1'"  sing N N 92  
DG  "C2'" "H2'"  sing N N 93  
DG  "C2'" "H2''" sing N N 94  
DG  "C1'" N9     sing N N 95  
DG  "C1'" "H1'"  sing N N 96  
DG  N9    C8     sing Y N 97  
DG  N9    C4     sing Y N 98  
DG  C8    N7     doub Y N 99  
DG  C8    H8     sing N N 100 
DG  N7    C5     sing Y N 101 
DG  C5    C6     sing N N 102 
DG  C5    C4     doub Y N 103 
DG  C6    O6     doub N N 104 
DG  C6    N1     sing N N 105 
DG  N1    C2     sing N N 106 
DG  N1    H1     sing N N 107 
DG  C2    N2     sing N N 108 
DG  C2    N3     doub N N 109 
DG  N2    H21    sing N N 110 
DG  N2    H22    sing N N 111 
DG  N3    C4     sing N N 112 
DOD O     D1     sing N N 113 
DOD O     D2     sing N N 114 
DT  OP3   P      sing N N 115 
DT  OP3   HOP3   sing N N 116 
DT  P     OP1    doub N N 117 
DT  P     OP2    sing N N 118 
DT  P     "O5'"  sing N N 119 
DT  OP2   HOP2   sing N N 120 
DT  "O5'" "C5'"  sing N N 121 
DT  "C5'" "C4'"  sing N N 122 
DT  "C5'" "H5'"  sing N N 123 
DT  "C5'" "H5''" sing N N 124 
DT  "C4'" "O4'"  sing N N 125 
DT  "C4'" "C3'"  sing N N 126 
DT  "C4'" "H4'"  sing N N 127 
DT  "O4'" "C1'"  sing N N 128 
DT  "C3'" "O3'"  sing N N 129 
DT  "C3'" "C2'"  sing N N 130 
DT  "C3'" "H3'"  sing N N 131 
DT  "O3'" "HO3'" sing N N 132 
DT  "C2'" "C1'"  sing N N 133 
DT  "C2'" "H2'"  sing N N 134 
DT  "C2'" "H2''" sing N N 135 
DT  "C1'" N1     sing N N 136 
DT  "C1'" "H1'"  sing N N 137 
DT  N1    C2     sing N N 138 
DT  N1    C6     sing N N 139 
DT  C2    O2     doub N N 140 
DT  C2    N3     sing N N 141 
DT  N3    C4     sing N N 142 
DT  N3    H3     sing N N 143 
DT  C4    O4     doub N N 144 
DT  C4    C5     sing N N 145 
DT  C5    C7     sing N N 146 
DT  C5    C6     doub N N 147 
DT  C7    H71    sing N N 148 
DT  C7    H72    sing N N 149 
DT  C7    H73    sing N N 150 
DT  C6    H6     sing N N 151 
# 
_ndb_struct_conf_na.entry_id   1WQY 
_ndb_struct_conf_na.feature    'b-form double helix' 
# 
loop_
_ndb_struct_na_base_pair.model_number 
_ndb_struct_na_base_pair.i_label_asym_id 
_ndb_struct_na_base_pair.i_label_comp_id 
_ndb_struct_na_base_pair.i_label_seq_id 
_ndb_struct_na_base_pair.i_symmetry 
_ndb_struct_na_base_pair.j_label_asym_id 
_ndb_struct_na_base_pair.j_label_comp_id 
_ndb_struct_na_base_pair.j_label_seq_id 
_ndb_struct_na_base_pair.j_symmetry 
_ndb_struct_na_base_pair.shear 
_ndb_struct_na_base_pair.stretch 
_ndb_struct_na_base_pair.stagger 
_ndb_struct_na_base_pair.buckle 
_ndb_struct_na_base_pair.propeller 
_ndb_struct_na_base_pair.opening 
_ndb_struct_na_base_pair.pair_number 
_ndb_struct_na_base_pair.pair_name 
_ndb_struct_na_base_pair.i_auth_asym_id 
_ndb_struct_na_base_pair.i_auth_seq_id 
_ndb_struct_na_base_pair.i_PDB_ins_code 
_ndb_struct_na_base_pair.j_auth_asym_id 
_ndb_struct_na_base_pair.j_auth_seq_id 
_ndb_struct_na_base_pair.j_PDB_ins_code 
_ndb_struct_na_base_pair.hbond_type_28 
_ndb_struct_na_base_pair.hbond_type_12 
1 A DC 1  1_555 B DG 10 1_555 0.234  -0.092 0.330  -8.209 -2.712  -0.473 1  A_DC1:DG20_B  A 1  ? B 20 ? 19 1 
1 A DC 2  1_555 B DG 9  1_555 0.153  -0.078 -0.219 9.408  -9.920  2.186  2  A_DC2:DG19_B  A 2  ? B 19 ? 19 1 
1 A DA 3  1_555 B DT 8  1_555 0.010  -0.147 -0.157 1.232  -11.679 1.071  3  A_DA3:DT18_B  A 3  ? B 18 ? 20 1 
1 A DT 4  1_555 B DA 7  1_555 0.233  -0.054 -0.229 6.184  -15.743 1.414  4  A_DT4:DA17_B  A 4  ? B 17 ? 20 1 
1 A DT 5  1_555 B DA 6  1_555 -0.016 -0.120 -0.355 7.424  -15.614 4.885  5  A_DT5:DA16_B  A 5  ? B 16 ? 20 1 
1 A DA 6  1_555 B DT 5  1_555 0.087  -0.108 -0.049 -9.006 -12.152 6.157  6  A_DA6:DT15_B  A 6  ? B 15 ? 20 1 
1 A DA 7  1_555 B DT 4  1_555 -0.067 -0.105 -0.032 -8.874 -10.620 3.506  7  A_DA7:DT14_B  A 7  ? B 14 ? 20 1 
1 A DT 8  1_555 B DA 3  1_555 0.142  0.017  0.037  -2.620 -14.792 1.252  8  A_DT8:DA13_B  A 8  ? B 13 ? 20 1 
1 A DG 9  1_555 B DC 2  1_555 0.027  -0.109 0.162  7.178  -4.092  0.587  9  A_DG9:DC12_B  A 9  ? B 12 ? 19 1 
1 A DG 10 1_555 B DC 1  1_555 -0.349 -0.094 0.333  9.808  -8.725  -0.278 10 A_DG10:DC11_B A 10 ? B 11 ? 19 1 
# 
loop_
_ndb_struct_na_base_pair_step.model_number 
_ndb_struct_na_base_pair_step.i_label_asym_id_1 
_ndb_struct_na_base_pair_step.i_label_comp_id_1 
_ndb_struct_na_base_pair_step.i_label_seq_id_1 
_ndb_struct_na_base_pair_step.i_symmetry_1 
_ndb_struct_na_base_pair_step.j_label_asym_id_1 
_ndb_struct_na_base_pair_step.j_label_comp_id_1 
_ndb_struct_na_base_pair_step.j_label_seq_id_1 
_ndb_struct_na_base_pair_step.j_symmetry_1 
_ndb_struct_na_base_pair_step.i_label_asym_id_2 
_ndb_struct_na_base_pair_step.i_label_comp_id_2 
_ndb_struct_na_base_pair_step.i_label_seq_id_2 
_ndb_struct_na_base_pair_step.i_symmetry_2 
_ndb_struct_na_base_pair_step.j_label_asym_id_2 
_ndb_struct_na_base_pair_step.j_label_comp_id_2 
_ndb_struct_na_base_pair_step.j_label_seq_id_2 
_ndb_struct_na_base_pair_step.j_symmetry_2 
_ndb_struct_na_base_pair_step.shift 
_ndb_struct_na_base_pair_step.slide 
_ndb_struct_na_base_pair_step.rise 
_ndb_struct_na_base_pair_step.tilt 
_ndb_struct_na_base_pair_step.roll 
_ndb_struct_na_base_pair_step.twist 
_ndb_struct_na_base_pair_step.x_displacement 
_ndb_struct_na_base_pair_step.y_displacement 
_ndb_struct_na_base_pair_step.helical_rise 
_ndb_struct_na_base_pair_step.inclination 
_ndb_struct_na_base_pair_step.tip 
_ndb_struct_na_base_pair_step.helical_twist 
_ndb_struct_na_base_pair_step.step_number 
_ndb_struct_na_base_pair_step.step_name 
_ndb_struct_na_base_pair_step.i_auth_asym_id_1 
_ndb_struct_na_base_pair_step.i_auth_seq_id_1 
_ndb_struct_na_base_pair_step.i_PDB_ins_code_1 
_ndb_struct_na_base_pair_step.j_auth_asym_id_1 
_ndb_struct_na_base_pair_step.j_auth_seq_id_1 
_ndb_struct_na_base_pair_step.j_PDB_ins_code_1 
_ndb_struct_na_base_pair_step.i_auth_asym_id_2 
_ndb_struct_na_base_pair_step.i_auth_seq_id_2 
_ndb_struct_na_base_pair_step.i_PDB_ins_code_2 
_ndb_struct_na_base_pair_step.j_auth_asym_id_2 
_ndb_struct_na_base_pair_step.j_auth_seq_id_2 
_ndb_struct_na_base_pair_step.j_PDB_ins_code_2 
1 A DC 1 1_555 B DG 10 1_555 A DC 2  1_555 B DG 9 1_555 0.252  0.134  2.908 6.225  3.447  28.527 -0.402 0.706  2.892 6.862  
-12.391 29.383 1 AA_DC1DC2:DG19DG20_BB  A 1 ? B 20 ? A 2  ? B 19 ? 
1 A DC 2 1_555 B DG 9  1_555 A DA 3  1_555 B DT 8 1_555 0.022  0.501  3.511 -0.672 7.854  41.317 -0.187 -0.106 3.543 11.010 0.942 
42.030 2 AA_DC2DA3:DT18DG19_BB  A 2 ? B 19 ? A 3  ? B 18 ? 
1 A DA 3 1_555 B DT 8  1_555 A DT 4  1_555 B DA 7 1_555 -0.271 -0.494 3.141 -0.924 1.444  30.739 -1.201 0.338  3.122 2.722  1.741 
30.785 3 AA_DA3DT4:DA17DT18_BB  A 3 ? B 18 ? A 4  ? B 17 ? 
1 A DT 4 1_555 B DA 7  1_555 A DT 5  1_555 B DA 6 1_555 0.205  -0.394 3.138 1.736  0.332  32.574 -0.758 -0.076 3.140 0.592  -3.093 
32.620 4 AA_DT4DT5:DA16DA17_BB  A 4 ? B 17 ? A 5  ? B 16 ? 
1 A DT 5 1_555 B DA 6  1_555 A DA 6  1_555 B DT 5 1_555 0.169  -0.234 3.628 -2.347 6.535  36.626 -1.322 -0.608 3.519 10.285 3.694 
37.256 5 AA_DT5DA6:DT15DA16_BB  A 5 ? B 16 ? A 6  ? B 15 ? 
1 A DA 6 1_555 B DT 5  1_555 A DA 7  1_555 B DT 4 1_555 -0.385 -0.249 3.235 -1.847 2.018  36.496 -0.671 0.362  3.232 3.216  2.944 
36.595 6 AA_DA6DA7:DT14DT15_BB  A 6 ? B 15 ? A 7  ? B 14 ? 
1 A DA 7 1_555 B DT 4  1_555 A DT 8  1_555 B DA 3 1_555 -0.436 -0.490 3.130 -0.586 -2.601 34.325 -0.438 0.648  3.164 -4.398 0.991 
34.425 7 AA_DA7DT8:DA13DT14_BB  A 7 ? B 14 ? A 8  ? B 13 ? 
1 A DT 8 1_555 B DA 3  1_555 A DG 9  1_555 B DC 2 1_555 0.474  0.946  3.112 0.560  5.668  30.094 0.695  -0.790 3.240 10.794 -1.066 
30.616 8 AA_DT8DG9:DC12DA13_BB  A 8 ? B 13 ? A 9  ? B 12 ? 
1 A DG 9 1_555 B DC 2  1_555 A DG 10 1_555 B DC 1 1_555 -0.590 0.613  3.256 -2.865 3.821  32.797 0.422  0.546  3.342 6.722  5.040 
33.134 9 AA_DG9DG10:DC11DC12_BB A 9 ? B 12 ? A 10 ? B 11 ? 
# 
_pdbx_entity_nonpoly.entity_id   2 
_pdbx_entity_nonpoly.name        water 
_pdbx_entity_nonpoly.comp_id     DOD 
# 
_pdbx_initial_refinement_model.id               1 
_pdbx_initial_refinement_model.entity_id_list   ? 
_pdbx_initial_refinement_model.type             'experimental model' 
_pdbx_initial_refinement_model.source_name      PDB 
_pdbx_initial_refinement_model.accession_code   167D 
_pdbx_initial_refinement_model.details          ? 
# 
